data_8Q1N
#
_entry.id   8Q1N
#
_cell.length_a   82.174
_cell.length_b   82.174
_cell.length_c   201.707
_cell.angle_alpha   90.00
_cell.angle_beta   90.00
_cell.angle_gamma   90.00
#
_symmetry.space_group_name_H-M   'P 43 21 2'
#
loop_
_entity.id
_entity.type
_entity.pdbx_description
1 polymer 'WD repeat-containing protein 5'
2 polymer 'Cyclic peptide inhibitor'
3 water water
#
loop_
_entity_poly.entity_id
_entity_poly.type
_entity_poly.pdbx_seq_one_letter_code
_entity_poly.pdbx_strand_id
1 'polypeptide(L)'
;SATQSKPTPVKPNYALKFTLAGHTKAVSSVKFSPNGEWLASSSADKLIKIWGAYDGKFEKTISGHKLGISDVAWSSDSNL
LVSASDDKTLKIWDVSSGKCLKTLKGHSNYVFCCNFNPQSNLIVSGSFDESVRIWDVKTGKCLKTLPAHSDPVSAVHFNR
DGSLIVSSSYDGLCRIWDTASGQCLKTLIDDDNPPVSFVKFSPNGKYILAATLDNTLKLWDYSKGKCLKTYTGHKNEKYC
IFANFSVTGGKWIVSGSEDNLVYIWNLQTKEIVQKLQGHTDVVISTACHPTENIIASAALENDKTIKLWKSDCGTLEVLF
Q
;
A,B
2 'polypeptide(L)' DEEEIDVV(DAB)VE a,b
#
# COMPACT_ATOMS: atom_id res chain seq x y z
N ALA A 2 38.12 32.99 -10.61
CA ALA A 2 36.68 32.89 -10.35
C ALA A 2 35.98 32.06 -11.44
N THR A 3 35.03 31.21 -11.03
CA THR A 3 34.31 30.35 -11.96
C THR A 3 32.90 30.88 -12.21
N GLN A 4 32.30 30.44 -13.32
CA GLN A 4 30.94 30.83 -13.63
C GLN A 4 30.00 30.02 -12.74
N SER A 5 29.25 30.71 -11.89
CA SER A 5 28.26 30.09 -11.03
C SER A 5 26.94 30.81 -11.23
N LYS A 6 25.88 30.05 -11.50
CA LYS A 6 24.58 30.64 -11.81
C LYS A 6 24.13 31.54 -10.66
N PRO A 7 23.35 32.59 -10.93
CA PRO A 7 22.85 33.43 -9.84
C PRO A 7 21.98 32.64 -8.86
N THR A 8 21.89 33.15 -7.62
CA THR A 8 21.12 32.52 -6.55
C THR A 8 20.02 33.50 -6.15
N PRO A 9 18.88 33.45 -6.82
CA PRO A 9 17.76 34.33 -6.46
C PRO A 9 17.18 33.93 -5.11
N VAL A 10 16.32 34.80 -4.55
CA VAL A 10 15.63 34.47 -3.31
C VAL A 10 14.53 33.44 -3.57
N LYS A 11 13.96 33.41 -4.78
CA LYS A 11 12.93 32.43 -5.15
C LYS A 11 13.16 32.10 -6.62
N PRO A 12 13.19 30.82 -7.00
CA PRO A 12 13.38 30.47 -8.40
C PRO A 12 12.09 30.77 -9.18
N ASN A 13 12.11 30.50 -10.47
CA ASN A 13 10.92 30.74 -11.31
C ASN A 13 10.83 29.67 -12.40
N TYR A 14 10.64 28.42 -11.98
CA TYR A 14 10.58 27.31 -12.92
C TYR A 14 9.29 27.41 -13.72
N ALA A 15 9.38 27.18 -15.04
CA ALA A 15 8.28 27.23 -16.00
C ALA A 15 8.32 25.97 -16.82
N LEU A 16 7.15 25.49 -17.20
CA LEU A 16 7.06 24.26 -17.98
C LEU A 16 7.52 24.53 -19.39
N LYS A 17 8.41 23.67 -19.87
CA LYS A 17 8.95 23.79 -21.22
C LYS A 17 8.55 22.60 -22.08
N PHE A 18 8.67 21.38 -21.55
CA PHE A 18 8.39 20.20 -22.34
C PHE A 18 7.53 19.22 -21.55
N THR A 19 6.64 18.52 -22.24
CA THR A 19 5.93 17.37 -21.68
CA THR A 19 6.01 17.36 -21.64
C THR A 19 6.19 16.18 -22.59
N LEU A 20 6.56 15.05 -22.02
CA LEU A 20 7.09 13.88 -22.67
C LEU A 20 6.13 12.74 -22.44
N ALA A 21 5.51 12.25 -23.52
CA ALA A 21 4.56 11.14 -23.39
C ALA A 21 5.12 9.89 -24.05
N GLY A 22 4.85 8.73 -23.47
CA GLY A 22 5.25 7.51 -24.15
C GLY A 22 5.16 6.26 -23.28
N HIS A 23 5.45 6.37 -21.99
CA HIS A 23 5.18 5.24 -21.11
C HIS A 23 3.68 4.93 -21.11
N THR A 24 3.33 3.64 -20.99
CA THR A 24 1.93 3.22 -21.03
C THR A 24 1.37 2.87 -19.65
N LYS A 25 2.20 2.88 -18.61
CA LYS A 25 1.74 2.69 -17.23
C LYS A 25 2.46 3.72 -16.36
N ALA A 26 2.28 3.58 -15.06
CA ALA A 26 2.86 4.54 -14.12
C ALA A 26 4.38 4.64 -14.31
N VAL A 27 4.88 5.86 -14.39
CA VAL A 27 6.33 6.07 -14.35
C VAL A 27 6.79 5.95 -12.91
N SER A 28 7.90 5.26 -12.67
CA SER A 28 8.34 5.10 -11.30
C SER A 28 9.54 5.98 -10.92
N SER A 29 10.40 6.41 -11.84
CA SER A 29 11.58 7.19 -11.47
CA SER A 29 11.53 7.25 -11.46
C SER A 29 12.13 7.87 -12.71
N VAL A 30 12.74 9.05 -12.52
CA VAL A 30 13.43 9.75 -13.60
C VAL A 30 14.77 10.25 -13.03
N LYS A 31 15.86 10.13 -13.81
CA LYS A 31 17.19 10.58 -13.38
C LYS A 31 17.97 11.21 -14.52
N PHE A 32 18.63 12.34 -14.27
CA PHE A 32 19.52 12.93 -15.27
C PHE A 32 20.87 12.20 -15.29
N SER A 33 21.41 11.99 -16.49
CA SER A 33 22.75 11.44 -16.60
C SER A 33 23.75 12.41 -15.97
N PRO A 34 24.82 11.90 -15.33
CA PRO A 34 25.81 12.81 -14.74
C PRO A 34 26.43 13.81 -15.73
N ASN A 35 26.53 13.48 -17.01
CA ASN A 35 27.07 14.43 -17.98
C ASN A 35 26.04 15.45 -18.45
N GLY A 36 24.79 15.34 -17.99
CA GLY A 36 23.80 16.35 -18.30
C GLY A 36 23.11 16.21 -19.63
N GLU A 37 23.36 15.15 -20.39
CA GLU A 37 22.78 15.06 -21.71
C GLU A 37 21.49 14.25 -21.78
N TRP A 38 21.24 13.34 -20.83
CA TRP A 38 20.11 12.44 -20.97
C TRP A 38 19.25 12.41 -19.73
N LEU A 39 17.99 12.04 -19.93
CA LEU A 39 17.06 11.80 -18.83
C LEU A 39 16.60 10.37 -18.97
N ALA A 40 16.69 9.59 -17.88
CA ALA A 40 16.23 8.20 -17.97
C ALA A 40 14.96 8.04 -17.13
N SER A 41 14.00 7.30 -17.65
CA SER A 41 12.76 7.04 -16.93
C SER A 41 12.51 5.55 -16.84
N SER A 42 11.95 5.12 -15.72
CA SER A 42 11.54 3.74 -15.54
C SER A 42 10.05 3.71 -15.27
N SER A 43 9.39 2.58 -15.58
CA SER A 43 7.95 2.52 -15.47
C SER A 43 7.48 1.13 -15.09
N ALA A 44 6.25 1.10 -14.56
CA ALA A 44 5.52 -0.17 -14.40
C ALA A 44 5.26 -0.90 -15.72
N ASP A 45 5.40 -0.26 -16.88
CA ASP A 45 5.25 -1.00 -18.13
C ASP A 45 6.51 -1.77 -18.52
N LYS A 46 7.44 -1.97 -17.58
CA LYS A 46 8.64 -2.80 -17.75
C LYS A 46 9.70 -2.16 -18.63
N LEU A 47 9.57 -0.89 -18.97
CA LEU A 47 10.48 -0.27 -19.93
C LEU A 47 11.30 0.79 -19.24
N ILE A 48 12.49 1.01 -19.79
CA ILE A 48 13.29 2.21 -19.53
C ILE A 48 13.26 3.02 -20.82
N LYS A 49 13.07 4.33 -20.70
CA LYS A 49 13.16 5.21 -21.86
C LYS A 49 14.23 6.28 -21.62
N ILE A 50 14.93 6.65 -22.70
CA ILE A 50 15.99 7.65 -22.62
C ILE A 50 15.54 8.87 -23.42
N TRP A 51 15.69 10.06 -22.85
CA TRP A 51 15.25 11.29 -23.47
C TRP A 51 16.32 12.37 -23.37
N GLY A 52 16.31 13.30 -24.32
CA GLY A 52 17.27 14.38 -24.25
C GLY A 52 16.96 15.31 -23.08
N ALA A 53 17.98 15.70 -22.31
CA ALA A 53 17.76 16.46 -21.07
C ALA A 53 17.31 17.90 -21.35
N TYR A 54 17.70 18.46 -22.48
CA TYR A 54 17.44 19.86 -22.77
C TYR A 54 16.15 20.05 -23.55
N ASP A 55 15.81 19.13 -24.43
CA ASP A 55 14.64 19.26 -25.30
C ASP A 55 13.57 18.20 -25.05
N GLY A 56 13.83 17.23 -24.18
CA GLY A 56 12.87 16.17 -23.98
C GLY A 56 12.68 15.24 -25.15
N LYS A 57 13.55 15.27 -26.15
CA LYS A 57 13.36 14.47 -27.35
CA LYS A 57 13.33 14.47 -27.35
C LYS A 57 13.59 12.99 -27.05
N PHE A 58 12.63 12.15 -27.43
CA PHE A 58 12.73 10.72 -27.20
C PHE A 58 13.94 10.11 -27.89
N GLU A 59 14.78 9.40 -27.15
CA GLU A 59 15.98 8.79 -27.71
C GLU A 59 15.86 7.29 -27.97
N LYS A 60 15.47 6.47 -27.00
CA LYS A 60 15.35 5.03 -27.25
C LYS A 60 14.59 4.37 -26.10
N THR A 61 14.18 3.11 -26.31
CA THR A 61 13.50 2.29 -25.31
CA THR A 61 13.51 2.32 -25.29
C THR A 61 14.35 1.08 -24.97
N ILE A 62 14.52 0.80 -23.67
CA ILE A 62 15.34 -0.30 -23.20
C ILE A 62 14.45 -1.33 -22.50
N SER A 63 14.48 -2.56 -22.98
CA SER A 63 13.49 -3.56 -22.61
C SER A 63 14.17 -4.86 -22.21
N GLY A 64 13.46 -5.64 -21.38
CA GLY A 64 13.91 -6.99 -21.06
C GLY A 64 13.51 -7.42 -19.66
N HIS A 65 13.13 -6.48 -18.81
CA HIS A 65 12.63 -6.88 -17.52
C HIS A 65 11.30 -7.59 -17.71
N LYS A 66 11.05 -8.57 -16.86
CA LYS A 66 9.85 -9.39 -16.94
C LYS A 66 8.66 -8.78 -16.20
N LEU A 67 8.90 -7.83 -15.29
CA LEU A 67 7.84 -7.15 -14.55
C LEU A 67 8.23 -5.69 -14.40
N GLY A 68 7.39 -4.92 -13.68
CA GLY A 68 7.56 -3.48 -13.63
C GLY A 68 8.86 -3.07 -12.95
N ILE A 69 9.29 -1.84 -13.22
CA ILE A 69 10.55 -1.31 -12.70
C ILE A 69 10.23 -0.17 -11.76
N SER A 70 10.86 -0.20 -10.59
CA SER A 70 10.68 0.82 -9.57
CA SER A 70 10.68 0.83 -9.58
C SER A 70 11.78 1.88 -9.56
N ASP A 71 12.96 1.59 -10.11
CA ASP A 71 14.06 2.54 -9.99
C ASP A 71 15.04 2.35 -11.12
N VAL A 72 15.80 3.41 -11.38
CA VAL A 72 16.89 3.35 -12.35
C VAL A 72 18.00 4.31 -11.91
N ALA A 73 19.24 3.97 -12.27
CA ALA A 73 20.37 4.76 -11.77
C ALA A 73 21.49 4.70 -12.80
N TRP A 74 22.18 5.82 -12.98
CA TRP A 74 23.26 5.98 -13.96
C TRP A 74 24.63 5.66 -13.36
N SER A 75 25.54 5.16 -14.20
CA SER A 75 26.95 5.12 -13.76
C SER A 75 27.56 6.54 -13.85
N SER A 76 28.76 6.71 -13.27
CA SER A 76 29.33 8.05 -13.21
C SER A 76 29.77 8.57 -14.57
N ASP A 77 30.20 7.68 -15.47
CA ASP A 77 30.57 8.12 -16.82
C ASP A 77 29.37 8.18 -17.78
N SER A 78 28.15 8.05 -17.27
CA SER A 78 26.91 8.07 -18.05
C SER A 78 26.81 6.94 -19.07
N ASN A 79 27.65 5.91 -19.01
CA ASN A 79 27.58 4.86 -20.01
C ASN A 79 26.69 3.67 -19.63
N LEU A 80 26.41 3.45 -18.35
CA LEU A 80 25.59 2.30 -17.96
C LEU A 80 24.39 2.78 -17.13
N LEU A 81 23.39 1.91 -17.04
CA LEU A 81 22.25 2.09 -16.16
C LEU A 81 22.04 0.81 -15.37
N VAL A 82 21.56 0.93 -14.14
CA VAL A 82 21.07 -0.24 -13.42
C VAL A 82 19.61 0.01 -13.12
N SER A 83 18.80 -1.04 -13.20
CA SER A 83 17.39 -0.94 -12.90
C SER A 83 17.04 -1.96 -11.84
N ALA A 84 16.01 -1.67 -11.05
CA ALA A 84 15.49 -2.57 -10.01
C ALA A 84 14.05 -2.95 -10.34
N SER A 85 13.74 -4.25 -10.35
CA SER A 85 12.45 -4.66 -10.86
C SER A 85 11.68 -5.53 -9.87
N ASP A 86 10.35 -5.45 -10.00
CA ASP A 86 9.45 -6.39 -9.36
C ASP A 86 9.76 -7.83 -9.72
N ASP A 87 10.48 -8.09 -10.80
CA ASP A 87 10.86 -9.46 -11.14
C ASP A 87 12.02 -9.99 -10.27
N LYS A 88 12.28 -9.35 -9.14
CA LYS A 88 13.29 -9.74 -8.15
C LYS A 88 14.72 -9.59 -8.64
N THR A 89 14.95 -9.08 -9.84
CA THR A 89 16.31 -8.86 -10.33
C THR A 89 16.64 -7.38 -10.51
N LEU A 90 17.92 -7.11 -10.55
CA LEU A 90 18.45 -5.88 -11.11
C LEU A 90 19.07 -6.25 -12.45
N LYS A 91 19.11 -5.31 -13.39
CA LYS A 91 19.85 -5.51 -14.63
C LYS A 91 20.75 -4.32 -14.88
N ILE A 92 21.93 -4.59 -15.40
CA ILE A 92 22.88 -3.57 -15.84
C ILE A 92 22.82 -3.51 -17.36
N TRP A 93 22.65 -2.28 -17.88
CA TRP A 93 22.46 -2.02 -19.29
C TRP A 93 23.58 -1.16 -19.85
N ASP A 94 23.96 -1.44 -21.09
CA ASP A 94 24.85 -0.54 -21.83
C ASP A 94 23.96 0.45 -22.57
N VAL A 95 24.09 1.73 -22.26
CA VAL A 95 23.10 2.70 -22.69
C VAL A 95 23.10 2.87 -24.21
N SER A 96 24.28 2.92 -24.83
CA SER A 96 24.35 3.22 -26.26
C SER A 96 23.72 2.12 -27.10
N SER A 97 23.95 0.85 -26.74
CA SER A 97 23.40 -0.28 -27.47
C SER A 97 22.10 -0.84 -26.88
N GLY A 98 21.73 -0.46 -25.65
CA GLY A 98 20.51 -0.97 -25.09
C GLY A 98 20.53 -2.42 -24.68
N LYS A 99 21.71 -3.05 -24.61
CA LYS A 99 21.82 -4.46 -24.29
C LYS A 99 22.01 -4.64 -22.77
N CYS A 100 21.37 -5.68 -22.23
CA CYS A 100 21.56 -6.07 -20.84
C CYS A 100 22.94 -6.71 -20.69
N LEU A 101 23.84 -6.09 -19.92
CA LEU A 101 25.13 -6.73 -19.70
C LEU A 101 25.07 -7.79 -18.59
N LYS A 102 24.32 -7.55 -17.51
CA LYS A 102 24.32 -8.49 -16.40
C LYS A 102 22.96 -8.46 -15.73
N THR A 103 22.47 -9.61 -15.32
CA THR A 103 21.27 -9.69 -14.48
C THR A 103 21.76 -10.07 -13.08
N LEU A 104 21.44 -9.23 -12.09
CA LEU A 104 21.87 -9.51 -10.71
C LEU A 104 20.72 -10.14 -9.94
N LYS A 105 20.87 -11.42 -9.59
CA LYS A 105 19.85 -12.10 -8.82
C LYS A 105 20.39 -12.57 -7.47
N GLY A 106 19.53 -12.55 -6.47
CA GLY A 106 19.89 -12.82 -5.10
C GLY A 106 18.71 -12.49 -4.24
N HIS A 107 18.05 -11.38 -4.54
CA HIS A 107 16.94 -10.92 -3.73
C HIS A 107 15.79 -11.91 -3.79
N SER A 108 15.06 -11.99 -2.68
CA SER A 108 13.97 -12.95 -2.55
CA SER A 108 13.96 -12.92 -2.50
C SER A 108 12.62 -12.36 -2.92
N ASN A 109 12.57 -11.05 -3.15
CA ASN A 109 11.34 -10.38 -3.55
C ASN A 109 11.70 -9.14 -4.37
N TYR A 110 10.71 -8.27 -4.61
CA TYR A 110 10.89 -7.07 -5.44
C TYR A 110 12.08 -6.23 -5.02
N VAL A 111 12.86 -5.78 -6.02
CA VAL A 111 13.93 -4.80 -5.80
C VAL A 111 13.34 -3.41 -6.03
N PHE A 112 13.41 -2.57 -5.00
CA PHE A 112 12.79 -1.26 -4.98
C PHE A 112 13.71 -0.10 -5.33
N CYS A 113 15.02 -0.25 -5.15
CA CYS A 113 15.92 0.91 -5.23
C CYS A 113 17.29 0.41 -5.57
N CYS A 114 18.07 1.25 -6.26
CA CYS A 114 19.44 0.87 -6.65
C CYS A 114 20.26 2.15 -6.84
N ASN A 115 21.60 2.00 -6.80
CA ASN A 115 22.50 3.11 -7.06
C ASN A 115 23.91 2.56 -7.32
N PHE A 116 24.63 3.19 -8.24
CA PHE A 116 26.06 2.97 -8.40
C PHE A 116 26.83 3.72 -7.33
N ASN A 117 27.99 3.19 -6.92
CA ASN A 117 28.88 4.03 -6.12
C ASN A 117 29.62 4.99 -7.06
N PRO A 118 30.23 6.05 -6.52
CA PRO A 118 30.89 7.02 -7.42
C PRO A 118 31.91 6.38 -8.34
N GLN A 119 32.71 5.46 -7.82
CA GLN A 119 33.70 4.81 -8.68
C GLN A 119 33.02 4.03 -9.80
N SER A 120 31.82 3.52 -9.52
CA SER A 120 30.93 2.78 -10.42
C SER A 120 31.40 1.34 -10.65
N ASN A 121 32.25 0.82 -9.78
CA ASN A 121 32.51 -0.62 -9.73
C ASN A 121 31.54 -1.36 -8.81
N LEU A 122 30.67 -0.66 -8.11
CA LEU A 122 29.74 -1.28 -7.19
C LEU A 122 28.32 -0.77 -7.44
N ILE A 123 27.36 -1.61 -7.05
CA ILE A 123 25.95 -1.30 -7.09
C ILE A 123 25.36 -1.70 -5.75
N VAL A 124 24.58 -0.80 -5.18
CA VAL A 124 23.82 -1.13 -3.99
C VAL A 124 22.34 -1.13 -4.34
N SER A 125 21.60 -2.03 -3.68
CA SER A 125 20.19 -2.26 -3.95
C SER A 125 19.47 -2.58 -2.65
N GLY A 126 18.17 -2.30 -2.63
CA GLY A 126 17.34 -2.66 -1.52
C GLY A 126 16.06 -3.32 -1.99
N SER A 127 15.54 -4.20 -1.16
CA SER A 127 14.42 -5.04 -1.59
C SER A 127 13.30 -5.05 -0.57
N PHE A 128 12.12 -5.42 -1.08
CA PHE A 128 10.98 -5.80 -0.25
C PHE A 128 11.38 -6.88 0.75
N ASP A 129 12.44 -7.66 0.44
CA ASP A 129 12.88 -8.75 1.26
C ASP A 129 13.66 -8.27 2.50
N GLU A 130 13.68 -6.97 2.77
CA GLU A 130 14.23 -6.31 3.96
C GLU A 130 15.74 -6.27 3.93
N SER A 131 16.38 -6.72 2.88
CA SER A 131 17.83 -6.78 2.83
C SER A 131 18.42 -5.67 1.95
N VAL A 132 19.72 -5.43 2.12
CA VAL A 132 20.47 -4.53 1.25
C VAL A 132 21.64 -5.33 0.71
N ARG A 133 21.85 -5.25 -0.61
CA ARG A 133 22.92 -5.99 -1.25
C ARG A 133 23.91 -5.05 -1.94
N ILE A 134 25.17 -5.45 -1.88
CA ILE A 134 26.24 -4.80 -2.62
C ILE A 134 26.67 -5.75 -3.73
N TRP A 135 26.69 -5.26 -4.97
CA TRP A 135 27.04 -6.08 -6.12
C TRP A 135 28.30 -5.60 -6.80
N ASP A 136 28.97 -6.53 -7.49
CA ASP A 136 30.16 -6.22 -8.28
C ASP A 136 29.70 -6.01 -9.71
N VAL A 137 29.96 -4.82 -10.24
CA VAL A 137 29.49 -4.48 -11.59
C VAL A 137 30.17 -5.37 -12.62
N LYS A 138 31.49 -5.54 -12.51
CA LYS A 138 32.25 -6.23 -13.56
C LYS A 138 31.91 -7.70 -13.64
N THR A 139 31.45 -8.32 -12.56
CA THR A 139 31.10 -9.74 -12.55
C THR A 139 29.64 -10.02 -12.27
N GLY A 140 28.91 -9.06 -11.75
CA GLY A 140 27.51 -9.28 -11.52
C GLY A 140 27.20 -10.20 -10.38
N LYS A 141 28.18 -10.53 -9.53
CA LYS A 141 27.92 -11.35 -8.36
C LYS A 141 27.68 -10.46 -7.16
N CYS A 142 26.92 -10.99 -6.21
CA CYS A 142 26.63 -10.28 -4.99
C CYS A 142 27.84 -10.39 -4.06
N LEU A 143 28.38 -9.24 -3.65
CA LEU A 143 29.48 -9.27 -2.68
C LEU A 143 28.96 -9.46 -1.24
N LYS A 144 28.01 -8.64 -0.80
CA LYS A 144 27.51 -8.76 0.56
C LYS A 144 26.01 -8.68 0.57
N THR A 145 25.43 -9.28 1.60
CA THR A 145 24.03 -9.12 1.94
C THR A 145 23.99 -8.63 3.38
N LEU A 146 23.46 -7.44 3.59
CA LEU A 146 23.24 -6.73 4.83
C LEU A 146 21.84 -7.02 5.36
N PRO A 147 21.69 -7.56 6.57
CA PRO A 147 20.36 -7.75 7.22
C PRO A 147 19.83 -6.43 7.75
N ALA A 148 19.38 -5.57 6.84
CA ALA A 148 19.40 -4.13 7.12
C ALA A 148 18.26 -3.69 8.01
N HIS A 149 17.07 -4.25 7.78
CA HIS A 149 15.83 -3.75 8.29
C HIS A 149 14.87 -4.92 8.52
N SER A 150 13.74 -4.60 9.14
CA SER A 150 12.69 -5.59 9.42
C SER A 150 11.41 -5.26 8.67
N ASP A 151 11.54 -4.49 7.59
CA ASP A 151 10.43 -4.18 6.70
C ASP A 151 11.08 -3.84 5.37
N PRO A 152 10.30 -3.67 4.30
CA PRO A 152 10.90 -3.34 3.00
C PRO A 152 11.85 -2.16 3.05
N VAL A 153 12.90 -2.24 2.25
CA VAL A 153 13.87 -1.15 2.09
C VAL A 153 13.36 -0.20 1.01
N SER A 154 13.25 1.11 1.32
CA SER A 154 12.67 2.02 0.33
C SER A 154 13.74 2.77 -0.46
N ALA A 155 14.95 2.95 0.08
CA ALA A 155 15.97 3.71 -0.65
C ALA A 155 17.35 3.30 -0.17
N VAL A 156 18.32 3.34 -1.09
CA VAL A 156 19.73 3.15 -0.75
C VAL A 156 20.55 4.16 -1.55
N HIS A 157 21.61 4.70 -0.93
CA HIS A 157 22.46 5.68 -1.59
C HIS A 157 23.89 5.66 -1.03
N PHE A 158 24.90 5.76 -1.93
CA PHE A 158 26.30 5.90 -1.49
C PHE A 158 26.62 7.37 -1.22
N ASN A 159 27.54 7.63 -0.29
CA ASN A 159 28.01 9.00 -0.10
C ASN A 159 29.10 9.35 -1.13
N ARG A 160 29.62 10.58 -1.02
CA ARG A 160 30.38 11.19 -2.11
CA ARG A 160 30.43 11.24 -2.05
C ARG A 160 31.67 10.43 -2.44
N ASP A 161 32.27 9.73 -1.49
CA ASP A 161 33.45 8.90 -1.75
C ASP A 161 33.17 7.41 -1.76
N GLY A 162 31.92 7.00 -1.65
CA GLY A 162 31.58 5.59 -1.73
C GLY A 162 31.92 4.76 -0.52
N SER A 163 32.33 5.36 0.61
CA SER A 163 32.71 4.58 1.78
C SER A 163 31.53 4.24 2.68
N LEU A 164 30.40 4.93 2.50
CA LEU A 164 29.20 4.78 3.32
C LEU A 164 27.99 4.58 2.41
N ILE A 165 27.05 3.74 2.86
CA ILE A 165 25.74 3.57 2.23
C ILE A 165 24.71 4.02 3.26
N VAL A 166 23.72 4.79 2.84
CA VAL A 166 22.58 5.10 3.69
C VAL A 166 21.36 4.33 3.17
N SER A 167 20.61 3.70 4.08
CA SER A 167 19.40 2.98 3.73
C SER A 167 18.21 3.46 4.57
N SER A 168 17.02 3.26 4.03
CA SER A 168 15.78 3.64 4.72
C SER A 168 14.73 2.54 4.56
N SER A 169 13.78 2.48 5.50
CA SER A 169 12.82 1.41 5.40
C SER A 169 11.50 1.81 6.05
N TYR A 170 10.45 1.07 5.67
CA TYR A 170 9.16 1.20 6.34
C TYR A 170 9.22 0.87 7.80
N ASP A 171 10.29 0.24 8.27
CA ASP A 171 10.37 0.00 9.72
C ASP A 171 10.59 1.27 10.51
N GLY A 172 10.72 2.41 9.83
CA GLY A 172 10.91 3.69 10.47
C GLY A 172 12.34 4.08 10.71
N LEU A 173 13.31 3.40 10.10
CA LEU A 173 14.71 3.64 10.42
C LEU A 173 15.49 4.09 9.21
N CYS A 174 16.49 4.93 9.45
CA CYS A 174 17.60 5.17 8.54
C CYS A 174 18.83 4.53 9.14
N ARG A 175 19.58 3.78 8.34
CA ARG A 175 20.85 3.27 8.82
C ARG A 175 21.98 3.63 7.85
N ILE A 176 23.18 3.75 8.39
CA ILE A 176 24.39 4.06 7.63
C ILE A 176 25.34 2.87 7.73
N TRP A 177 25.81 2.39 6.59
CA TRP A 177 26.66 1.22 6.57
C TRP A 177 28.03 1.56 6.00
N ASP A 178 29.05 1.01 6.63
CA ASP A 178 30.37 1.01 6.05
C ASP A 178 30.39 0.08 4.83
N THR A 179 30.65 0.63 3.65
CA THR A 179 30.75 -0.20 2.44
C THR A 179 31.73 -1.36 2.61
N ALA A 180 32.96 -1.07 3.06
CA ALA A 180 34.03 -2.06 3.02
C ALA A 180 33.70 -3.28 3.88
N SER A 181 33.15 -3.05 5.07
CA SER A 181 32.91 -4.11 6.02
C SER A 181 31.45 -4.55 6.08
N GLY A 182 30.52 -3.68 5.73
CA GLY A 182 29.15 -4.04 5.94
C GLY A 182 28.65 -3.80 7.34
N GLN A 183 29.46 -3.17 8.20
CA GLN A 183 29.02 -2.95 9.57
C GLN A 183 28.00 -1.81 9.59
N CYS A 184 26.98 -1.97 10.42
CA CYS A 184 26.06 -0.86 10.64
C CYS A 184 26.77 0.14 11.55
N LEU A 185 27.04 1.34 11.03
CA LEU A 185 27.72 2.33 11.84
C LEU A 185 26.76 3.17 12.66
N LYS A 186 25.51 3.32 12.22
CA LYS A 186 24.63 4.31 12.81
C LYS A 186 23.19 3.99 12.45
N THR A 187 22.29 4.11 13.43
CA THR A 187 20.84 4.01 13.23
C THR A 187 20.24 5.34 13.65
N LEU A 188 19.48 5.97 12.74
CA LEU A 188 18.79 7.22 13.08
C LEU A 188 17.37 6.92 13.54
N ILE A 189 17.04 7.35 14.74
CA ILE A 189 15.68 7.21 15.22
C ILE A 189 15.19 8.59 15.66
N ASP A 190 13.89 8.82 15.51
CA ASP A 190 13.23 10.04 15.94
C ASP A 190 12.34 9.82 17.16
N ASP A 191 11.73 10.91 17.66
CA ASP A 191 10.75 10.79 18.73
C ASP A 191 9.66 9.80 18.34
N ASP A 192 9.28 9.82 17.08
CA ASP A 192 8.41 8.81 16.53
C ASP A 192 9.09 8.14 15.33
N ASN A 193 8.55 7.00 14.91
CA ASN A 193 9.14 6.20 13.83
C ASN A 193 8.18 5.96 12.66
N PRO A 194 7.70 7.01 12.01
CA PRO A 194 6.92 6.82 10.78
C PRO A 194 7.75 6.03 9.76
N PRO A 195 7.09 5.28 8.90
CA PRO A 195 7.81 4.66 7.76
C PRO A 195 8.68 5.67 7.01
N VAL A 196 9.91 5.29 6.67
CA VAL A 196 10.79 6.18 5.92
C VAL A 196 10.76 5.74 4.46
N SER A 197 10.25 6.61 3.61
CA SER A 197 10.04 6.22 2.22
C SER A 197 11.18 6.62 1.30
N PHE A 198 12.08 7.49 1.76
CA PHE A 198 13.18 7.91 0.91
C PHE A 198 14.28 8.50 1.76
N VAL A 199 15.52 8.33 1.27
CA VAL A 199 16.69 8.91 1.94
C VAL A 199 17.79 9.09 0.91
N LYS A 200 18.60 10.12 1.10
CA LYS A 200 19.83 10.26 0.33
C LYS A 200 20.81 11.20 1.05
N PHE A 201 22.09 11.03 0.75
CA PHE A 201 23.11 11.94 1.26
C PHE A 201 23.04 13.29 0.54
N SER A 202 23.49 14.33 1.23
CA SER A 202 23.78 15.59 0.57
C SER A 202 25.00 15.45 -0.33
N PRO A 203 25.21 16.40 -1.27
CA PRO A 203 26.30 16.21 -2.25
C PRO A 203 27.67 16.14 -1.60
N ASN A 204 27.87 16.82 -0.48
CA ASN A 204 29.13 16.73 0.26
C ASN A 204 29.13 15.59 1.29
N GLY A 205 28.07 14.79 1.38
CA GLY A 205 28.16 13.65 2.27
C GLY A 205 27.91 13.92 3.73
N LYS A 206 27.68 15.18 4.15
CA LYS A 206 27.62 15.52 5.58
C LYS A 206 26.22 15.40 6.17
N TYR A 207 25.19 15.58 5.36
CA TYR A 207 23.82 15.50 5.84
C TYR A 207 23.08 14.43 5.06
N ILE A 208 21.97 13.96 5.63
CA ILE A 208 21.06 13.10 4.88
C ILE A 208 19.66 13.69 4.90
N LEU A 209 19.02 13.61 3.75
CA LEU A 209 17.65 14.06 3.53
C LEU A 209 16.74 12.84 3.52
N ALA A 210 15.73 12.83 4.41
CA ALA A 210 14.84 11.68 4.57
C ALA A 210 13.38 12.07 4.46
N ALA A 211 12.61 11.27 3.73
CA ALA A 211 11.17 11.46 3.62
C ALA A 211 10.41 10.45 4.49
N THR A 212 9.43 10.92 5.24
CA THR A 212 8.62 10.00 6.00
C THR A 212 7.17 10.09 5.55
N LEU A 213 6.42 9.02 5.77
CA LEU A 213 5.05 8.86 5.26
C LEU A 213 4.11 9.59 6.20
N ASP A 214 4.58 10.66 6.81
CA ASP A 214 3.77 11.60 7.59
C ASP A 214 3.86 13.01 7.00
N ASN A 215 3.99 13.12 5.68
CA ASN A 215 4.00 14.43 4.97
C ASN A 215 5.16 15.30 5.43
N THR A 216 6.34 14.69 5.65
CA THR A 216 7.45 15.44 6.21
C THR A 216 8.77 15.08 5.53
N LEU A 217 9.61 16.08 5.28
CA LEU A 217 10.96 15.85 4.81
C LEU A 217 11.84 16.32 5.94
N LYS A 218 12.93 15.60 6.24
CA LYS A 218 13.82 16.05 7.30
C LYS A 218 15.25 16.00 6.83
N LEU A 219 16.03 17.01 7.17
CA LEU A 219 17.46 17.05 6.91
C LEU A 219 18.20 16.75 8.21
N TRP A 220 19.00 15.67 8.22
CA TRP A 220 19.67 15.19 9.42
C TRP A 220 21.17 15.42 9.36
N ASP A 221 21.73 15.91 10.46
CA ASP A 221 23.18 15.87 10.63
C ASP A 221 23.58 14.42 10.86
N TYR A 222 24.44 13.92 9.97
CA TYR A 222 24.77 12.50 10.00
C TYR A 222 25.63 12.16 11.23
N SER A 223 26.68 12.94 11.51
CA SER A 223 27.54 12.59 12.64
C SER A 223 26.78 12.63 13.96
N LYS A 224 26.10 13.74 14.23
CA LYS A 224 25.42 13.90 15.50
C LYS A 224 24.11 13.10 15.61
N GLY A 225 23.58 12.60 14.50
CA GLY A 225 22.24 12.01 14.61
C GLY A 225 21.18 12.98 15.08
N LYS A 226 21.28 14.25 14.65
CA LYS A 226 20.33 15.30 14.98
C LYS A 226 19.59 15.77 13.73
N CYS A 227 18.28 15.99 13.88
CA CYS A 227 17.49 16.51 12.77
C CYS A 227 17.60 18.04 12.82
N LEU A 228 18.11 18.62 11.74
CA LEU A 228 18.39 20.05 11.71
C LEU A 228 17.33 20.87 11.02
N LYS A 229 16.59 20.32 10.06
CA LYS A 229 15.58 21.09 9.35
C LYS A 229 14.42 20.17 9.04
N THR A 230 13.22 20.75 9.01
CA THR A 230 12.00 20.03 8.66
C THR A 230 11.27 20.79 7.56
N TYR A 231 10.74 20.07 6.58
CA TYR A 231 10.04 20.65 5.42
C TYR A 231 8.64 20.06 5.31
N THR A 232 7.61 20.89 5.42
CA THR A 232 6.25 20.39 5.33
C THR A 232 5.42 21.24 4.36
N GLY A 233 4.19 20.82 4.16
CA GLY A 233 3.28 21.52 3.26
C GLY A 233 2.78 20.68 2.12
N HIS A 234 3.48 19.59 1.78
CA HIS A 234 3.08 18.71 0.69
C HIS A 234 2.27 17.53 1.25
N LYS A 235 1.94 16.58 0.38
CA LYS A 235 1.17 15.39 0.70
C LYS A 235 2.02 14.19 0.38
N ASN A 236 2.36 13.39 1.41
CA ASN A 236 3.08 12.13 1.19
C ASN A 236 2.74 11.21 2.37
N GLU A 237 1.70 10.40 2.17
CA GLU A 237 1.25 9.44 3.16
C GLU A 237 1.32 8.04 2.64
N LYS A 238 1.61 7.84 1.36
CA LYS A 238 1.46 6.53 0.75
C LYS A 238 2.64 6.13 -0.14
N TYR A 239 3.13 7.05 -0.95
CA TYR A 239 4.02 6.64 -2.03
C TYR A 239 5.45 6.96 -1.68
N CYS A 240 6.36 6.20 -2.28
CA CYS A 240 7.78 6.45 -2.09
CA CYS A 240 7.80 6.43 -2.12
C CYS A 240 8.17 7.54 -3.09
N ILE A 241 8.07 8.79 -2.64
CA ILE A 241 8.36 9.93 -3.51
C ILE A 241 9.80 10.38 -3.28
N PHE A 242 10.62 10.37 -4.35
CA PHE A 242 12.00 10.88 -4.28
C PHE A 242 12.00 12.35 -3.89
N ALA A 243 13.07 12.79 -3.23
CA ALA A 243 13.28 14.20 -2.93
C ALA A 243 14.71 14.60 -3.35
N ASN A 244 14.96 15.88 -3.60
CA ASN A 244 16.23 16.23 -4.23
C ASN A 244 16.85 17.42 -3.53
N PHE A 245 18.18 17.51 -3.60
CA PHE A 245 18.90 18.76 -3.33
C PHE A 245 19.08 19.44 -4.67
N SER A 246 18.64 20.67 -4.81
CA SER A 246 18.86 21.45 -6.01
C SER A 246 19.91 22.49 -5.70
N VAL A 247 20.99 22.56 -6.49
CA VAL A 247 22.12 23.40 -6.08
C VAL A 247 22.73 24.21 -7.24
N THR A 248 22.16 24.14 -8.43
CA THR A 248 22.70 24.88 -9.57
C THR A 248 22.35 26.37 -9.48
N GLY A 249 21.17 26.69 -8.95
CA GLY A 249 20.68 28.07 -8.86
C GLY A 249 20.80 28.43 -7.43
N GLY A 250 19.72 28.67 -6.70
CA GLY A 250 19.95 28.64 -5.26
C GLY A 250 20.00 27.25 -4.62
N LYS A 251 19.84 27.17 -3.29
CA LYS A 251 19.88 25.92 -2.54
C LYS A 251 18.44 25.57 -2.13
N TRP A 252 17.86 24.57 -2.77
CA TRP A 252 16.45 24.27 -2.58
C TRP A 252 16.30 22.80 -2.28
N ILE A 253 15.22 22.48 -1.59
CA ILE A 253 14.75 21.09 -1.55
C ILE A 253 13.58 20.97 -2.52
N VAL A 254 13.55 19.90 -3.32
CA VAL A 254 12.55 19.67 -4.35
C VAL A 254 11.94 18.31 -4.10
N SER A 255 10.60 18.20 -4.17
CA SER A 255 9.99 16.89 -4.03
C SER A 255 8.64 16.85 -4.74
N GLY A 256 8.24 15.66 -5.15
CA GLY A 256 6.88 15.47 -5.64
C GLY A 256 5.90 15.39 -4.47
N SER A 257 4.65 15.10 -4.80
CA SER A 257 3.60 15.24 -3.80
C SER A 257 2.35 14.55 -4.31
N GLU A 258 1.54 14.07 -3.37
CA GLU A 258 0.33 13.33 -3.66
C GLU A 258 -0.84 14.23 -4.02
N ASP A 259 -0.65 15.54 -3.93
CA ASP A 259 -1.62 16.48 -4.49
C ASP A 259 -1.25 16.94 -5.91
N ASN A 260 -0.42 16.21 -6.65
CA ASN A 260 -0.16 16.46 -8.08
C ASN A 260 0.76 17.66 -8.33
N LEU A 261 1.46 18.19 -7.32
CA LEU A 261 2.30 19.37 -7.54
C LEU A 261 3.76 19.05 -7.26
N VAL A 262 4.67 19.89 -7.78
CA VAL A 262 6.07 19.78 -7.37
C VAL A 262 6.31 20.86 -6.35
N TYR A 263 6.93 20.51 -5.23
CA TYR A 263 7.21 21.49 -4.20
C TYR A 263 8.69 21.83 -4.22
N ILE A 264 8.99 23.08 -3.93
CA ILE A 264 10.35 23.56 -3.81
C ILE A 264 10.47 24.37 -2.53
N TRP A 265 11.38 23.97 -1.65
CA TRP A 265 11.60 24.69 -0.40
C TRP A 265 12.95 25.38 -0.40
N ASN A 266 13.01 26.55 0.25
CA ASN A 266 14.28 27.15 0.65
C ASN A 266 14.95 26.24 1.68
N LEU A 267 16.09 25.64 1.30
CA LEU A 267 16.81 24.71 2.17
C LEU A 267 17.04 25.27 3.56
N GLN A 268 17.41 26.56 3.64
N GLN A 268 17.44 26.56 3.63
CA GLN A 268 17.86 27.15 4.89
CA GLN A 268 17.88 27.18 4.87
C GLN A 268 16.73 27.60 5.78
C GLN A 268 16.70 27.54 5.76
N THR A 269 15.76 28.31 5.20
CA THR A 269 14.64 28.84 5.98
C THR A 269 13.45 27.90 6.08
N LYS A 270 13.38 26.85 5.25
CA LYS A 270 12.32 25.87 5.22
C LYS A 270 11.00 26.36 4.56
N GLU A 271 10.95 27.58 4.05
CA GLU A 271 9.74 28.12 3.41
CA GLU A 271 9.73 28.08 3.43
C GLU A 271 9.55 27.53 2.02
N ILE A 272 8.29 27.31 1.64
CA ILE A 272 7.98 26.88 0.29
C ILE A 272 8.22 28.07 -0.63
N VAL A 273 9.00 27.87 -1.70
CA VAL A 273 9.32 28.97 -2.59
C VAL A 273 8.65 28.84 -3.95
N GLN A 274 8.27 27.63 -4.37
CA GLN A 274 7.45 27.50 -5.57
C GLN A 274 6.70 26.17 -5.50
N LYS A 275 5.56 26.11 -6.18
CA LYS A 275 4.79 24.88 -6.40
C LYS A 275 4.43 24.81 -7.87
N LEU A 276 4.93 23.77 -8.57
CA LEU A 276 4.80 23.64 -10.02
C LEU A 276 3.52 22.85 -10.31
N GLN A 277 2.60 23.48 -11.01
CA GLN A 277 1.34 22.83 -11.35
C GLN A 277 1.28 22.47 -12.82
N GLY A 278 0.82 21.25 -13.10
CA GLY A 278 0.41 20.86 -14.44
C GLY A 278 0.26 19.35 -14.50
N HIS A 279 0.82 18.65 -13.54
CA HIS A 279 0.65 17.21 -13.58
C HIS A 279 -0.81 16.89 -13.19
N THR A 280 -1.31 15.74 -13.59
CA THR A 280 -2.70 15.48 -13.36
C THR A 280 -2.91 14.27 -12.42
N ASP A 281 -1.81 13.65 -11.95
CA ASP A 281 -1.80 12.57 -10.96
C ASP A 281 -0.62 12.77 -10.05
N VAL A 282 -0.46 11.86 -9.07
CA VAL A 282 0.61 11.93 -8.06
C VAL A 282 1.97 12.15 -8.71
N VAL A 283 2.69 13.16 -8.25
CA VAL A 283 4.07 13.31 -8.71
C VAL A 283 4.96 12.44 -7.86
N ILE A 284 5.38 11.33 -8.44
CA ILE A 284 6.11 10.28 -7.74
C ILE A 284 7.62 10.46 -7.79
N SER A 285 8.14 11.23 -8.74
CA SER A 285 9.58 11.29 -8.92
C SER A 285 9.93 12.64 -9.49
N THR A 286 10.99 13.23 -8.95
CA THR A 286 11.54 14.48 -9.44
C THR A 286 13.06 14.31 -9.48
N ALA A 287 13.73 15.11 -10.30
CA ALA A 287 15.18 15.02 -10.42
C ALA A 287 15.70 16.36 -10.90
N CYS A 288 16.92 16.72 -10.49
CA CYS A 288 17.49 18.02 -10.84
C CYS A 288 18.74 17.87 -11.70
N HIS A 289 18.78 18.63 -12.81
CA HIS A 289 19.91 18.56 -13.73
C HIS A 289 21.22 18.92 -13.02
N PRO A 290 22.34 18.29 -13.38
CA PRO A 290 23.57 18.50 -12.61
C PRO A 290 24.19 19.86 -12.78
N THR A 291 23.98 20.55 -13.91
CA THR A 291 24.59 21.86 -14.15
C THR A 291 23.60 22.98 -14.50
N GLU A 292 22.44 22.66 -15.05
CA GLU A 292 21.45 23.66 -15.43
C GLU A 292 20.29 23.68 -14.45
N ASN A 293 19.58 24.82 -14.40
CA ASN A 293 18.38 24.89 -13.55
C ASN A 293 17.23 24.20 -14.27
N ILE A 294 17.30 22.88 -14.34
CA ILE A 294 16.24 22.06 -14.95
C ILE A 294 15.74 21.04 -13.93
N ILE A 295 14.41 20.91 -13.83
CA ILE A 295 13.75 19.90 -13.01
C ILE A 295 12.96 18.98 -13.91
N ALA A 296 13.14 17.67 -13.76
CA ALA A 296 12.29 16.68 -14.40
C ALA A 296 11.32 16.11 -13.37
N SER A 297 10.05 16.01 -13.75
CA SER A 297 9.04 15.45 -12.85
C SER A 297 8.22 14.40 -13.60
N ALA A 298 7.77 13.37 -12.88
CA ALA A 298 6.99 12.29 -13.48
C ALA A 298 5.83 11.90 -12.56
N ALA A 299 4.76 11.38 -13.16
CA ALA A 299 3.51 11.20 -12.44
C ALA A 299 2.93 9.80 -12.68
N LEU A 300 1.92 9.45 -11.89
CA LEU A 300 1.41 8.08 -11.87
C LEU A 300 0.35 7.87 -12.98
N GLU A 301 -0.41 6.77 -12.87
CA GLU A 301 -1.16 6.14 -13.96
C GLU A 301 -2.15 7.07 -14.65
N ASN A 302 -2.83 7.94 -13.90
CA ASN A 302 -3.83 8.76 -14.56
C ASN A 302 -3.19 9.90 -15.38
N ASP A 303 -1.89 10.11 -15.24
CA ASP A 303 -1.14 11.14 -15.98
C ASP A 303 -0.24 10.47 -17.02
N LYS A 304 0.78 9.80 -16.53
CA LYS A 304 1.73 9.00 -17.31
C LYS A 304 2.72 9.85 -18.09
N THR A 305 2.75 11.19 -17.89
CA THR A 305 3.72 12.01 -18.59
C THR A 305 4.87 12.41 -17.66
N ILE A 306 5.98 12.80 -18.28
CA ILE A 306 7.13 13.41 -17.65
C ILE A 306 7.21 14.87 -18.07
N LYS A 307 7.48 15.77 -17.13
CA LYS A 307 7.61 17.18 -17.42
C LYS A 307 9.03 17.69 -17.13
N LEU A 308 9.53 18.53 -18.05
CA LEU A 308 10.77 19.32 -17.88
C LEU A 308 10.42 20.76 -17.56
N TRP A 309 10.89 21.25 -16.44
CA TRP A 309 10.73 22.64 -16.03
C TRP A 309 12.10 23.33 -15.98
N LYS A 310 12.16 24.62 -16.30
CA LYS A 310 13.42 25.35 -16.28
C LYS A 310 13.21 26.71 -15.63
N SER A 311 14.21 27.16 -14.90
CA SER A 311 14.16 28.46 -14.23
C SER A 311 15.43 29.21 -14.60
N ASP A 312 15.32 30.23 -15.43
CA ASP A 312 16.50 31.02 -15.68
C ASP A 312 16.57 32.23 -14.79
N CYS A 313 15.44 32.65 -14.27
CA CYS A 313 15.42 33.91 -13.56
C CYS A 313 14.92 33.67 -12.14
N GLY A 314 14.33 34.69 -11.55
CA GLY A 314 13.72 34.52 -10.25
C GLY A 314 13.49 35.83 -9.56
N THR A 315 13.05 35.74 -8.31
CA THR A 315 12.85 36.93 -7.49
C THR A 315 14.16 37.28 -6.84
N LEU A 316 14.53 38.56 -6.91
CA LEU A 316 15.69 39.10 -6.24
C LEU A 316 15.22 40.09 -5.18
N GLU A 317 15.92 40.15 -4.04
CA GLU A 317 15.71 41.23 -3.07
C GLU A 317 16.64 42.41 -3.38
N VAL A 318 16.06 43.60 -3.44
CA VAL A 318 16.76 44.83 -3.85
C VAL A 318 16.63 45.89 -2.80
N LEU A 319 17.76 46.33 -2.26
CA LEU A 319 17.80 47.36 -1.23
C LEU A 319 17.82 48.74 -1.87
N PHE A 320 16.75 49.48 -1.69
CA PHE A 320 16.68 50.87 -2.07
C PHE A 320 17.12 51.75 -0.91
N GLN A 321 17.90 52.78 -1.22
CA GLN A 321 18.37 53.67 -0.16
C GLN A 321 18.82 55.01 -0.72
N SER B 5 9.86 -32.50 -1.06
CA SER B 5 8.45 -32.17 -0.83
C SER B 5 8.23 -31.69 0.61
N LYS B 6 7.53 -30.55 0.76
CA LYS B 6 7.18 -30.03 2.08
C LYS B 6 6.00 -30.80 2.65
N PRO B 7 5.95 -31.02 3.97
CA PRO B 7 4.77 -31.66 4.56
C PRO B 7 3.54 -30.77 4.42
N THR B 8 2.38 -31.41 4.32
CA THR B 8 1.21 -30.63 3.96
C THR B 8 0.30 -30.44 5.17
N PRO B 9 -0.10 -29.21 5.48
CA PRO B 9 -1.10 -28.97 6.53
C PRO B 9 -2.41 -29.64 6.17
N VAL B 10 -2.84 -30.61 6.98
CA VAL B 10 -4.13 -31.25 6.76
C VAL B 10 -5.16 -30.86 7.80
N LYS B 11 -4.79 -30.08 8.79
CA LYS B 11 -5.75 -29.70 9.82
C LYS B 11 -5.18 -28.63 10.73
N PRO B 12 -5.92 -27.55 11.02
CA PRO B 12 -5.44 -26.53 11.94
C PRO B 12 -5.60 -27.06 13.36
N ASN B 13 -5.13 -26.31 14.34
CA ASN B 13 -5.50 -26.64 15.72
C ASN B 13 -5.78 -25.35 16.50
N TYR B 14 -6.82 -24.65 16.04
CA TYR B 14 -7.28 -23.44 16.71
C TYR B 14 -7.75 -23.78 18.11
N ALA B 15 -7.20 -23.07 19.10
CA ALA B 15 -7.46 -23.28 20.52
C ALA B 15 -7.79 -21.94 21.15
N LEU B 16 -8.74 -21.95 22.10
CA LEU B 16 -9.22 -20.69 22.66
C LEU B 16 -8.11 -19.97 23.44
N LYS B 17 -7.93 -18.66 23.19
CA LYS B 17 -6.97 -17.89 23.97
C LYS B 17 -7.63 -16.85 24.85
N PHE B 18 -8.63 -16.13 24.34
CA PHE B 18 -9.27 -15.09 25.12
C PHE B 18 -10.76 -15.01 24.81
N THR B 19 -11.54 -14.84 25.88
CA THR B 19 -12.96 -14.54 25.80
C THR B 19 -13.13 -13.07 26.17
N LEU B 20 -13.61 -12.29 25.20
CA LEU B 20 -13.69 -10.84 25.30
C LEU B 20 -15.13 -10.46 25.61
N ALA B 21 -15.40 -10.12 26.86
CA ALA B 21 -16.71 -9.63 27.27
C ALA B 21 -16.73 -8.11 27.25
N GLY B 22 -17.94 -7.57 27.17
CA GLY B 22 -18.10 -6.13 27.16
C GLY B 22 -19.39 -5.69 26.51
N HIS B 23 -19.73 -6.31 25.38
CA HIS B 23 -20.89 -5.88 24.63
C HIS B 23 -22.16 -6.31 25.37
N THR B 24 -23.13 -5.39 25.44
CA THR B 24 -24.34 -5.64 26.23
C THR B 24 -25.47 -6.30 25.43
N LYS B 25 -25.50 -6.13 24.12
CA LYS B 25 -26.44 -6.85 23.28
C LYS B 25 -25.64 -7.82 22.42
N ALA B 26 -26.32 -8.44 21.45
CA ALA B 26 -25.63 -9.34 20.54
C ALA B 26 -24.59 -8.57 19.71
N VAL B 27 -23.48 -9.23 19.41
CA VAL B 27 -22.44 -8.62 18.57
C VAL B 27 -22.78 -8.88 17.12
N SER B 28 -22.46 -7.93 16.23
CA SER B 28 -22.86 -8.06 14.83
C SER B 28 -21.71 -8.24 13.85
N SER B 29 -20.48 -7.84 14.20
CA SER B 29 -19.38 -7.93 13.26
C SER B 29 -18.09 -7.86 14.06
N VAL B 30 -17.05 -8.55 13.58
CA VAL B 30 -15.68 -8.41 14.08
C VAL B 30 -14.71 -8.38 12.90
N LYS B 31 -13.74 -7.47 12.93
CA LYS B 31 -12.77 -7.32 11.85
C LYS B 31 -11.39 -7.05 12.43
N PHE B 32 -10.36 -7.60 11.80
CA PHE B 32 -8.97 -7.36 12.22
C PHE B 32 -8.47 -6.18 11.41
N SER B 33 -7.80 -5.21 12.06
CA SER B 33 -7.12 -4.16 11.31
C SER B 33 -6.08 -4.76 10.36
N PRO B 34 -5.85 -4.15 9.19
CA PRO B 34 -4.90 -4.77 8.24
C PRO B 34 -3.46 -4.85 8.78
N ASN B 35 -3.09 -3.97 9.72
CA ASN B 35 -1.75 -3.95 10.28
C ASN B 35 -1.56 -4.99 11.38
N GLY B 36 -2.64 -5.68 11.76
CA GLY B 36 -2.60 -6.79 12.71
C GLY B 36 -2.75 -6.41 14.16
N GLU B 37 -2.90 -5.12 14.46
CA GLU B 37 -2.79 -4.70 15.85
C GLU B 37 -4.11 -4.74 16.60
N TRP B 38 -5.24 -4.54 15.91
CA TRP B 38 -6.52 -4.34 16.56
C TRP B 38 -7.59 -5.31 16.05
N LEU B 39 -8.54 -5.62 16.93
CA LEU B 39 -9.83 -6.20 16.54
C LEU B 39 -10.92 -5.18 16.87
N ALA B 40 -11.71 -4.82 15.85
CA ALA B 40 -12.91 -3.98 16.02
C ALA B 40 -14.16 -4.84 16.04
N SER B 41 -15.09 -4.52 16.96
CA SER B 41 -16.38 -5.19 17.08
C SER B 41 -17.54 -4.19 17.03
N SER B 42 -18.71 -4.69 16.60
CA SER B 42 -19.93 -3.89 16.48
CA SER B 42 -19.94 -3.92 16.42
C SER B 42 -21.08 -4.67 17.09
N SER B 43 -22.02 -3.96 17.72
CA SER B 43 -23.06 -4.69 18.42
C SER B 43 -24.44 -4.06 18.19
N ALA B 44 -25.46 -4.76 18.71
CA ALA B 44 -26.84 -4.25 18.70
C ALA B 44 -27.01 -3.05 19.61
N ASP B 45 -26.26 -3.01 20.71
CA ASP B 45 -26.05 -1.73 21.37
C ASP B 45 -25.35 -0.79 20.39
N LYS B 46 -25.39 0.48 20.70
CA LYS B 46 -25.03 1.45 19.68
C LYS B 46 -23.52 1.67 19.56
N LEU B 47 -22.68 0.83 20.17
CA LEU B 47 -21.30 1.23 20.33
C LEU B 47 -20.35 0.26 19.62
N ILE B 48 -19.12 0.74 19.44
CA ILE B 48 -18.05 0.03 18.73
C ILE B 48 -16.86 -0.05 19.68
N LYS B 49 -16.45 -1.26 20.05
CA LYS B 49 -15.32 -1.45 20.96
C LYS B 49 -14.07 -1.89 20.19
N ILE B 50 -12.91 -1.38 20.59
CA ILE B 50 -11.63 -1.75 20.00
C ILE B 50 -10.85 -2.61 20.98
N TRP B 51 -10.25 -3.69 20.46
CA TRP B 51 -9.51 -4.62 21.31
C TRP B 51 -8.13 -4.87 20.70
N GLY B 52 -7.19 -5.32 21.54
CA GLY B 52 -5.86 -5.67 21.05
C GLY B 52 -5.87 -7.08 20.47
N ALA B 53 -5.32 -7.24 19.27
CA ALA B 53 -5.48 -8.49 18.53
C ALA B 53 -4.72 -9.67 19.15
N TYR B 54 -3.65 -9.42 19.90
CA TYR B 54 -2.78 -10.47 20.43
C TYR B 54 -3.09 -10.82 21.87
N ASP B 55 -3.47 -9.83 22.67
CA ASP B 55 -3.68 -10.02 24.08
C ASP B 55 -5.15 -9.93 24.45
N GLY B 56 -6.01 -9.56 23.49
CA GLY B 56 -7.42 -9.47 23.73
C GLY B 56 -7.83 -8.51 24.81
N LYS B 57 -7.00 -7.54 25.17
CA LYS B 57 -7.36 -6.65 26.27
C LYS B 57 -8.20 -5.49 25.74
N PHE B 58 -9.26 -5.18 26.48
CA PHE B 58 -10.19 -4.13 26.06
C PHE B 58 -9.45 -2.80 26.02
N GLU B 59 -9.58 -2.09 24.90
CA GLU B 59 -8.94 -0.80 24.71
C GLU B 59 -9.91 0.34 24.98
N LYS B 60 -10.96 0.46 24.17
CA LYS B 60 -11.82 1.64 24.18
C LYS B 60 -13.19 1.28 23.61
N THR B 61 -14.16 2.13 23.92
CA THR B 61 -15.52 2.05 23.39
C THR B 61 -15.81 3.31 22.60
N ILE B 62 -16.45 3.15 21.44
CA ILE B 62 -16.80 4.26 20.56
C ILE B 62 -18.32 4.25 20.39
N SER B 63 -19.00 5.25 20.95
CA SER B 63 -20.43 5.41 20.86
C SER B 63 -20.76 6.63 19.99
N GLY B 64 -22.05 6.83 19.75
CA GLY B 64 -22.46 8.01 19.01
C GLY B 64 -23.28 7.72 17.77
N HIS B 65 -23.74 6.47 17.65
CA HIS B 65 -24.57 6.08 16.52
C HIS B 65 -25.95 5.87 17.12
N LYS B 66 -27.00 6.33 16.44
CA LYS B 66 -28.31 6.46 17.08
C LYS B 66 -29.00 5.10 17.31
N LEU B 67 -28.80 4.13 16.42
CA LEU B 67 -29.30 2.77 16.64
C LEU B 67 -28.15 1.78 16.44
N GLY B 68 -28.45 0.49 16.63
CA GLY B 68 -27.38 -0.51 16.70
C GLY B 68 -26.74 -0.76 15.35
N ILE B 69 -25.41 -1.01 15.37
CA ILE B 69 -24.58 -1.13 14.17
C ILE B 69 -24.62 -2.56 13.65
N SER B 70 -24.64 -2.71 12.34
CA SER B 70 -24.68 -4.03 11.71
C SER B 70 -23.33 -4.49 11.16
N ASP B 71 -22.48 -3.55 10.78
CA ASP B 71 -21.20 -3.87 10.16
C ASP B 71 -20.21 -2.76 10.47
N VAL B 72 -18.93 -3.09 10.27
CA VAL B 72 -17.83 -2.13 10.43
C VAL B 72 -16.65 -2.62 9.61
N ALA B 73 -15.88 -1.68 9.05
CA ALA B 73 -14.77 -2.01 8.16
C ALA B 73 -13.61 -1.05 8.41
N TRP B 74 -12.38 -1.55 8.19
CA TRP B 74 -11.14 -0.79 8.40
C TRP B 74 -10.69 -0.15 7.09
N SER B 75 -10.19 1.08 7.19
CA SER B 75 -9.41 1.64 6.08
C SER B 75 -8.13 0.82 5.90
N SER B 76 -7.53 0.93 4.71
CA SER B 76 -6.40 0.06 4.43
C SER B 76 -5.14 0.40 5.25
N ASP B 77 -5.13 1.56 5.92
CA ASP B 77 -4.05 2.01 6.78
C ASP B 77 -4.38 1.92 8.27
N SER B 78 -5.49 1.26 8.62
CA SER B 78 -5.89 0.97 10.00
C SER B 78 -6.19 2.21 10.81
N ASN B 79 -6.25 3.38 10.19
CA ASN B 79 -6.57 4.61 10.92
C ASN B 79 -8.06 4.88 11.01
N LEU B 80 -8.82 4.51 9.97
CA LEU B 80 -10.21 4.86 9.84
C LEU B 80 -11.10 3.62 9.92
N LEU B 81 -12.27 3.82 10.47
CA LEU B 81 -13.31 2.83 10.55
C LEU B 81 -14.57 3.45 9.96
N VAL B 82 -15.33 2.67 9.18
CA VAL B 82 -16.69 3.06 8.79
C VAL B 82 -17.65 2.08 9.45
N SER B 83 -18.74 2.59 10.00
CA SER B 83 -19.78 1.75 10.58
C SER B 83 -21.03 1.83 9.71
N ALA B 84 -22.06 1.08 10.10
CA ALA B 84 -23.31 1.02 9.34
C ALA B 84 -24.39 0.50 10.26
N SER B 85 -25.51 1.23 10.35
CA SER B 85 -26.49 0.95 11.40
C SER B 85 -27.91 1.18 10.93
N ASP B 86 -28.84 0.70 11.77
CA ASP B 86 -30.26 1.00 11.66
C ASP B 86 -30.52 2.52 11.72
N ASP B 87 -29.51 3.32 12.04
CA ASP B 87 -29.49 4.77 11.88
C ASP B 87 -29.90 5.30 10.54
N LYS B 88 -29.98 4.42 9.53
CA LYS B 88 -30.15 4.78 8.14
C LYS B 88 -28.86 5.40 7.61
N THR B 89 -27.81 5.50 8.43
CA THR B 89 -26.58 6.19 8.03
C THR B 89 -25.36 5.29 8.23
N LEU B 90 -24.26 5.76 7.66
CA LEU B 90 -22.94 5.18 7.83
C LEU B 90 -22.03 6.23 8.44
N LYS B 91 -21.36 5.89 9.54
CA LYS B 91 -20.49 6.85 10.20
C LYS B 91 -19.03 6.45 9.98
N ILE B 92 -18.20 7.42 9.53
CA ILE B 92 -16.76 7.29 9.56
C ILE B 92 -16.26 7.76 10.93
N TRP B 93 -15.30 7.04 11.50
CA TRP B 93 -14.61 7.50 12.69
C TRP B 93 -13.11 7.42 12.47
N ASP B 94 -12.37 8.14 13.31
CA ASP B 94 -10.92 8.06 13.43
C ASP B 94 -10.62 7.29 14.72
N VAL B 95 -9.77 6.27 14.62
CA VAL B 95 -9.65 5.30 15.71
C VAL B 95 -8.85 5.88 16.88
N SER B 96 -7.76 6.61 16.58
CA SER B 96 -6.98 7.29 17.61
C SER B 96 -7.83 8.35 18.32
N SER B 97 -8.45 9.25 17.55
CA SER B 97 -9.36 10.26 18.11
C SER B 97 -10.59 9.61 18.75
N GLY B 98 -11.10 8.53 18.17
CA GLY B 98 -12.29 7.92 18.73
C GLY B 98 -13.58 8.67 18.50
N LYS B 99 -13.61 9.64 17.59
CA LYS B 99 -14.80 10.44 17.34
C LYS B 99 -15.18 10.42 15.86
N CYS B 100 -16.40 10.92 15.60
CA CYS B 100 -17.10 10.71 14.33
C CYS B 100 -16.71 11.83 13.37
N LEU B 101 -15.88 11.52 12.38
CA LEU B 101 -15.42 12.55 11.47
CA LEU B 101 -15.41 12.54 11.44
C LEU B 101 -16.53 12.97 10.51
N LYS B 102 -17.02 12.03 9.70
CA LYS B 102 -18.07 12.26 8.72
C LYS B 102 -19.28 11.39 9.05
N THR B 103 -20.42 11.70 8.43
CA THR B 103 -21.62 10.89 8.57
C THR B 103 -22.30 10.77 7.21
N LEU B 104 -22.42 9.54 6.71
CA LEU B 104 -22.90 9.28 5.36
C LEU B 104 -24.42 9.10 5.40
N LYS B 105 -25.13 10.08 4.86
CA LYS B 105 -26.59 10.08 4.83
C LYS B 105 -27.06 9.97 3.39
N GLY B 106 -28.21 9.34 3.20
CA GLY B 106 -28.71 9.18 1.85
C GLY B 106 -29.52 7.93 1.70
N HIS B 107 -29.32 6.97 2.59
CA HIS B 107 -29.94 5.67 2.43
C HIS B 107 -31.31 5.75 3.11
N SER B 108 -32.35 5.33 2.40
CA SER B 108 -33.72 5.45 2.91
C SER B 108 -34.08 4.36 3.90
N ASN B 109 -33.14 3.50 4.30
CA ASN B 109 -33.41 2.51 5.33
C ASN B 109 -32.08 2.02 5.92
N TYR B 110 -32.16 0.97 6.74
CA TYR B 110 -30.99 0.53 7.51
C TYR B 110 -29.83 0.13 6.60
N VAL B 111 -28.62 0.53 6.98
CA VAL B 111 -27.41 0.07 6.31
C VAL B 111 -26.95 -1.21 6.99
N PHE B 112 -26.69 -2.24 6.17
CA PHE B 112 -26.34 -3.55 6.67
C PHE B 112 -24.89 -3.94 6.41
N CYS B 113 -24.20 -3.28 5.49
CA CYS B 113 -22.86 -3.72 5.09
C CYS B 113 -22.08 -2.52 4.57
N CYS B 114 -20.75 -2.60 4.66
CA CYS B 114 -19.85 -1.50 4.32
C CYS B 114 -18.44 -2.04 4.13
N ASN B 115 -17.65 -1.33 3.32
CA ASN B 115 -16.28 -1.75 3.02
CA ASN B 115 -16.29 -1.75 3.03
C ASN B 115 -15.50 -0.64 2.32
N PHE B 116 -14.33 -0.32 2.84
CA PHE B 116 -13.42 0.54 2.09
C PHE B 116 -12.94 -0.20 0.84
N ASN B 117 -12.54 0.56 -0.17
CA ASN B 117 -11.79 -0.03 -1.28
C ASN B 117 -10.31 -0.02 -0.92
N PRO B 118 -9.48 -0.74 -1.69
CA PRO B 118 -8.09 -0.92 -1.24
C PRO B 118 -7.32 0.38 -1.12
N GLN B 119 -7.41 1.29 -2.07
CA GLN B 119 -6.66 2.52 -1.88
C GLN B 119 -7.45 3.55 -1.06
N SER B 120 -8.70 3.23 -0.73
CA SER B 120 -9.42 3.77 0.42
C SER B 120 -9.97 5.17 0.19
N ASN B 121 -10.07 5.59 -1.09
CA ASN B 121 -10.79 6.81 -1.43
C ASN B 121 -12.29 6.71 -1.18
N LEU B 122 -12.88 5.53 -1.43
CA LEU B 122 -14.34 5.34 -1.40
C LEU B 122 -14.76 4.27 -0.40
N ILE B 123 -16.01 4.39 0.07
CA ILE B 123 -16.69 3.39 0.88
C ILE B 123 -17.87 2.86 0.07
N VAL B 124 -18.03 1.55 0.05
CA VAL B 124 -19.21 0.97 -0.56
C VAL B 124 -20.13 0.49 0.56
N SER B 125 -21.44 0.58 0.32
CA SER B 125 -22.42 0.17 1.31
C SER B 125 -23.65 -0.44 0.63
N GLY B 126 -24.38 -1.26 1.41
CA GLY B 126 -25.63 -1.83 0.97
C GLY B 126 -26.66 -1.75 2.08
N SER B 127 -27.94 -1.77 1.69
CA SER B 127 -28.98 -1.45 2.66
C SER B 127 -30.23 -2.29 2.49
N PHE B 128 -31.09 -2.19 3.50
CA PHE B 128 -32.40 -2.79 3.44
C PHE B 128 -33.22 -2.15 2.31
N ASP B 129 -33.03 -0.86 2.03
CA ASP B 129 -33.50 -0.35 0.75
C ASP B 129 -32.67 -1.03 -0.31
N GLU B 130 -33.15 -1.10 -1.51
CA GLU B 130 -32.56 -2.18 -2.27
C GLU B 130 -31.23 -1.79 -2.94
N SER B 131 -30.57 -0.72 -2.51
CA SER B 131 -29.50 -0.06 -3.25
C SER B 131 -28.09 -0.36 -2.73
N VAL B 132 -27.12 -0.30 -3.64
CA VAL B 132 -25.71 -0.25 -3.31
C VAL B 132 -25.23 1.19 -3.59
N ARG B 133 -24.47 1.77 -2.67
CA ARG B 133 -24.10 3.17 -2.74
C ARG B 133 -22.60 3.35 -2.56
N ILE B 134 -22.02 4.23 -3.36
CA ILE B 134 -20.59 4.52 -3.34
C ILE B 134 -20.38 5.95 -2.84
N TRP B 135 -19.48 6.13 -1.87
CA TRP B 135 -19.29 7.40 -1.20
C TRP B 135 -17.81 7.84 -1.25
N ASP B 136 -17.56 9.11 -0.89
CA ASP B 136 -16.20 9.64 -0.79
C ASP B 136 -15.90 9.98 0.68
N VAL B 137 -14.79 9.43 1.20
CA VAL B 137 -14.51 9.50 2.64
C VAL B 137 -14.09 10.91 3.04
N LYS B 138 -13.45 11.65 2.13
CA LYS B 138 -13.13 13.06 2.38
C LYS B 138 -14.39 13.91 2.48
N THR B 139 -15.24 13.89 1.44
CA THR B 139 -16.42 14.74 1.40
C THR B 139 -17.53 14.26 2.33
N GLY B 140 -17.71 12.96 2.50
CA GLY B 140 -18.84 12.45 3.26
C GLY B 140 -20.13 12.30 2.48
N LYS B 141 -20.09 12.53 1.17
CA LYS B 141 -21.26 12.66 0.32
C LYS B 141 -21.31 11.51 -0.69
N CYS B 142 -22.51 11.06 -1.01
CA CYS B 142 -22.68 9.96 -1.95
C CYS B 142 -22.32 10.40 -3.37
N LEU B 143 -21.58 9.56 -4.10
CA LEU B 143 -21.24 9.83 -5.50
C LEU B 143 -21.95 8.98 -6.52
N LYS B 144 -22.62 7.89 -6.10
CA LYS B 144 -23.27 6.97 -7.03
C LYS B 144 -24.24 6.11 -6.25
N THR B 145 -25.43 5.93 -6.81
CA THR B 145 -26.42 5.02 -6.26
C THR B 145 -26.75 3.97 -7.31
N LEU B 146 -26.52 2.70 -6.95
CA LEU B 146 -26.74 1.62 -7.89
C LEU B 146 -28.09 1.00 -7.64
N PRO B 147 -28.96 0.90 -8.67
CA PRO B 147 -30.25 0.22 -8.48
C PRO B 147 -29.99 -1.29 -8.43
N ALA B 148 -29.35 -1.75 -7.35
CA ALA B 148 -28.57 -2.98 -7.36
C ALA B 148 -29.43 -4.24 -7.28
N HIS B 149 -30.52 -4.22 -6.53
CA HIS B 149 -31.19 -5.48 -6.21
C HIS B 149 -32.66 -5.19 -6.01
N SER B 150 -33.44 -6.27 -5.85
CA SER B 150 -34.87 -6.17 -5.61
C SER B 150 -35.26 -6.62 -4.21
N ASP B 151 -34.27 -6.69 -3.31
CA ASP B 151 -34.43 -7.08 -1.92
C ASP B 151 -33.27 -6.50 -1.13
N PRO B 152 -33.28 -6.60 0.21
CA PRO B 152 -32.17 -6.04 1.01
C PRO B 152 -30.84 -6.63 0.60
N VAL B 153 -29.83 -5.76 0.60
CA VAL B 153 -28.47 -6.11 0.21
C VAL B 153 -27.75 -6.62 1.45
N SER B 154 -27.14 -7.80 1.34
CA SER B 154 -26.54 -8.43 2.53
C SER B 154 -25.03 -8.22 2.66
N ALA B 155 -24.30 -7.95 1.58
CA ALA B 155 -22.86 -7.77 1.63
C ALA B 155 -22.43 -6.97 0.42
N VAL B 156 -21.34 -6.23 0.60
CA VAL B 156 -20.69 -5.51 -0.48
C VAL B 156 -19.19 -5.61 -0.23
N HIS B 157 -18.44 -5.86 -1.30
CA HIS B 157 -17.00 -6.06 -1.18
C HIS B 157 -16.28 -5.72 -2.47
N PHE B 158 -15.24 -4.90 -2.35
CA PHE B 158 -14.36 -4.56 -3.48
C PHE B 158 -13.36 -5.68 -3.75
N ASN B 159 -13.02 -5.86 -5.02
CA ASN B 159 -11.90 -6.73 -5.36
C ASN B 159 -10.59 -5.98 -5.10
N ARG B 160 -9.46 -6.58 -5.48
CA ARG B 160 -8.17 -6.08 -5.00
C ARG B 160 -7.71 -4.78 -5.70
N ASP B 161 -8.13 -4.55 -6.96
CA ASP B 161 -7.86 -3.27 -7.65
C ASP B 161 -8.73 -2.13 -7.13
N GLY B 162 -9.98 -2.44 -6.79
CA GLY B 162 -11.00 -1.42 -6.69
C GLY B 162 -11.82 -1.27 -7.95
N SER B 163 -11.58 -2.10 -8.98
CA SER B 163 -12.31 -1.91 -10.23
C SER B 163 -13.70 -2.54 -10.19
N LEU B 164 -13.89 -3.52 -9.30
CA LEU B 164 -15.09 -4.36 -9.20
C LEU B 164 -15.64 -4.31 -7.78
N ILE B 165 -16.97 -4.47 -7.71
CA ILE B 165 -17.72 -4.62 -6.47
C ILE B 165 -18.64 -5.83 -6.64
N VAL B 166 -18.66 -6.70 -5.63
CA VAL B 166 -19.61 -7.79 -5.58
C VAL B 166 -20.64 -7.51 -4.49
N SER B 167 -21.89 -7.69 -4.82
CA SER B 167 -22.98 -7.53 -3.87
C SER B 167 -23.86 -8.77 -3.85
N SER B 168 -24.48 -8.98 -2.69
CA SER B 168 -25.39 -10.07 -2.45
C SER B 168 -26.66 -9.51 -1.86
N SER B 169 -27.74 -10.27 -2.03
CA SER B 169 -29.06 -9.82 -1.67
C SER B 169 -29.93 -11.02 -1.32
N TYR B 170 -30.99 -10.75 -0.54
CA TYR B 170 -32.01 -11.76 -0.34
C TYR B 170 -32.81 -12.09 -1.59
N ASP B 171 -32.70 -11.28 -2.65
CA ASP B 171 -33.41 -11.64 -3.88
C ASP B 171 -32.83 -12.89 -4.55
N GLY B 172 -31.76 -13.49 -4.00
CA GLY B 172 -31.20 -14.71 -4.53
C GLY B 172 -30.01 -14.52 -5.43
N LEU B 173 -29.55 -13.30 -5.64
CA LEU B 173 -28.52 -13.07 -6.64
C LEU B 173 -27.29 -12.44 -6.03
N CYS B 174 -26.15 -12.85 -6.57
N CYS B 174 -26.16 -12.73 -6.66
CA CYS B 174 -24.93 -12.06 -6.48
CA CYS B 174 -24.93 -12.03 -6.40
C CYS B 174 -24.81 -11.24 -7.76
C CYS B 174 -24.52 -11.34 -7.70
N ARG B 175 -24.27 -10.03 -7.62
CA ARG B 175 -24.00 -9.18 -8.78
C ARG B 175 -22.61 -8.57 -8.65
N ILE B 176 -21.87 -8.55 -9.77
CA ILE B 176 -20.59 -7.88 -9.87
C ILE B 176 -20.80 -6.56 -10.61
N TRP B 177 -20.23 -5.49 -10.08
CA TRP B 177 -20.38 -4.15 -10.69
C TRP B 177 -19.01 -3.60 -11.04
N ASP B 178 -18.96 -2.91 -12.20
CA ASP B 178 -17.83 -2.06 -12.54
C ASP B 178 -17.91 -0.80 -11.66
N THR B 179 -16.84 -0.52 -10.90
CA THR B 179 -16.86 0.61 -9.96
C THR B 179 -17.03 1.95 -10.68
N ALA B 180 -16.25 2.17 -11.74
CA ALA B 180 -16.30 3.47 -12.39
C ALA B 180 -17.64 3.70 -13.09
N SER B 181 -18.05 2.76 -13.95
CA SER B 181 -19.29 2.89 -14.72
C SER B 181 -20.53 2.87 -13.82
N GLY B 182 -20.51 1.99 -12.81
CA GLY B 182 -21.71 1.53 -12.13
C GLY B 182 -22.47 0.47 -12.89
N GLN B 183 -21.86 -0.10 -13.94
CA GLN B 183 -22.53 -1.08 -14.78
C GLN B 183 -22.45 -2.48 -14.16
N CYS B 184 -23.54 -3.23 -14.30
CA CYS B 184 -23.58 -4.59 -13.79
C CYS B 184 -22.92 -5.49 -14.83
N LEU B 185 -21.77 -6.04 -14.48
CA LEU B 185 -20.99 -6.86 -15.39
C LEU B 185 -21.48 -8.30 -15.42
N LYS B 186 -22.07 -8.78 -14.33
CA LYS B 186 -22.44 -10.19 -14.26
C LYS B 186 -23.40 -10.37 -13.09
N THR B 187 -24.52 -11.03 -13.36
CA THR B 187 -25.46 -11.47 -12.34
C THR B 187 -25.28 -12.99 -12.21
N LEU B 188 -24.74 -13.45 -11.08
CA LEU B 188 -24.63 -14.89 -10.82
C LEU B 188 -25.97 -15.51 -10.40
N ILE B 189 -26.38 -16.59 -11.09
CA ILE B 189 -27.67 -17.23 -10.80
C ILE B 189 -27.47 -18.69 -10.38
N ASP B 190 -28.40 -19.16 -9.56
CA ASP B 190 -28.46 -20.54 -9.12
C ASP B 190 -29.84 -21.08 -9.43
N ASP B 191 -29.97 -22.41 -9.32
CA ASP B 191 -31.24 -23.04 -9.62
C ASP B 191 -32.30 -22.62 -8.60
N ASP B 192 -31.95 -22.72 -7.32
CA ASP B 192 -32.91 -22.45 -6.25
C ASP B 192 -33.20 -20.96 -6.14
N ASN B 193 -32.17 -20.11 -6.31
CA ASN B 193 -32.24 -18.70 -5.94
C ASN B 193 -32.52 -18.48 -4.46
N PRO B 194 -31.98 -19.28 -3.52
CA PRO B 194 -32.20 -18.95 -2.11
C PRO B 194 -31.56 -17.63 -1.78
N PRO B 195 -32.06 -16.93 -0.76
CA PRO B 195 -31.42 -15.67 -0.33
C PRO B 195 -29.91 -15.84 -0.19
N VAL B 196 -29.18 -14.85 -0.69
CA VAL B 196 -27.73 -14.79 -0.55
C VAL B 196 -27.38 -13.86 0.59
N SER B 197 -26.81 -14.43 1.66
CA SER B 197 -26.63 -13.72 2.92
C SER B 197 -25.26 -13.12 3.07
N PHE B 198 -24.29 -13.50 2.24
CA PHE B 198 -22.96 -12.96 2.35
C PHE B 198 -22.19 -13.29 1.08
N VAL B 199 -21.29 -12.38 0.69
CA VAL B 199 -20.42 -12.58 -0.47
C VAL B 199 -19.11 -11.82 -0.23
N LYS B 200 -17.99 -12.38 -0.74
CA LYS B 200 -16.71 -11.68 -0.72
C LYS B 200 -15.80 -12.27 -1.80
N PHE B 201 -14.89 -11.43 -2.30
CA PHE B 201 -13.87 -11.85 -3.25
C PHE B 201 -12.75 -12.62 -2.55
N SER B 202 -12.19 -13.61 -3.25
CA SER B 202 -10.90 -14.19 -2.78
C SER B 202 -9.79 -13.13 -2.77
N PRO B 203 -8.71 -13.35 -1.98
CA PRO B 203 -7.66 -12.32 -1.88
C PRO B 203 -7.13 -11.82 -3.21
N ASN B 204 -7.04 -12.68 -4.22
CA ASN B 204 -6.49 -12.29 -5.52
C ASN B 204 -7.54 -11.75 -6.48
N GLY B 205 -8.82 -11.98 -6.24
CA GLY B 205 -9.90 -11.47 -7.08
C GLY B 205 -10.50 -12.47 -8.03
N LYS B 206 -9.97 -13.68 -8.10
CA LYS B 206 -10.41 -14.61 -9.12
C LYS B 206 -11.69 -15.35 -8.71
N TYR B 207 -11.92 -15.55 -7.42
CA TYR B 207 -13.08 -16.30 -6.96
C TYR B 207 -13.88 -15.48 -5.95
N ILE B 208 -15.15 -15.84 -5.79
CA ILE B 208 -16.02 -15.24 -4.81
C ILE B 208 -16.65 -16.33 -3.93
N LEU B 209 -16.64 -16.07 -2.63
CA LEU B 209 -17.24 -16.94 -1.63
C LEU B 209 -18.62 -16.40 -1.28
N ALA B 210 -19.65 -17.22 -1.46
CA ALA B 210 -21.00 -16.77 -1.24
C ALA B 210 -21.75 -17.72 -0.32
N ALA B 211 -22.42 -17.16 0.68
CA ALA B 211 -23.32 -17.92 1.55
C ALA B 211 -24.77 -17.76 1.12
N THR B 212 -25.50 -18.88 1.10
CA THR B 212 -26.93 -18.85 0.92
C THR B 212 -27.61 -19.43 2.15
N LEU B 213 -28.87 -19.07 2.32
CA LEU B 213 -29.70 -19.39 3.48
C LEU B 213 -30.35 -20.77 3.32
N ASP B 214 -29.66 -21.66 2.62
CA ASP B 214 -29.99 -23.09 2.51
C ASP B 214 -28.87 -23.95 3.12
N ASN B 215 -28.18 -23.41 4.11
CA ASN B 215 -27.09 -24.08 4.83
C ASN B 215 -25.88 -24.37 3.93
N THR B 216 -25.58 -23.50 2.97
CA THR B 216 -24.53 -23.80 1.99
C THR B 216 -23.60 -22.61 1.77
N LEU B 217 -22.32 -22.93 1.57
CA LEU B 217 -21.33 -22.00 1.12
C LEU B 217 -20.85 -22.47 -0.24
N LYS B 218 -20.45 -21.54 -1.08
CA LYS B 218 -20.07 -21.88 -2.44
C LYS B 218 -18.95 -20.96 -2.89
N LEU B 219 -17.95 -21.56 -3.54
CA LEU B 219 -16.83 -20.84 -4.11
C LEU B 219 -17.01 -20.78 -5.62
N TRP B 220 -16.97 -19.58 -6.18
CA TRP B 220 -17.34 -19.36 -7.59
C TRP B 220 -16.18 -18.81 -8.38
N ASP B 221 -15.96 -19.34 -9.60
CA ASP B 221 -15.00 -18.75 -10.53
C ASP B 221 -15.67 -17.52 -11.12
N TYR B 222 -15.13 -16.35 -10.81
CA TYR B 222 -15.75 -15.10 -11.25
C TYR B 222 -15.72 -15.03 -12.77
N SER B 223 -14.52 -15.11 -13.35
CA SER B 223 -14.35 -14.95 -14.79
C SER B 223 -15.30 -15.85 -15.58
N LYS B 224 -15.54 -17.06 -15.10
CA LYS B 224 -16.30 -18.06 -15.81
C LYS B 224 -17.69 -18.28 -15.24
N GLY B 225 -18.02 -17.65 -14.10
CA GLY B 225 -19.36 -17.77 -13.54
C GLY B 225 -19.81 -19.20 -13.33
N LYS B 226 -18.93 -20.06 -12.81
CA LYS B 226 -19.32 -21.40 -12.41
C LYS B 226 -18.99 -21.61 -10.94
N CYS B 227 -19.69 -22.55 -10.32
CA CYS B 227 -19.41 -22.92 -8.94
C CYS B 227 -18.42 -24.08 -8.92
N LEU B 228 -17.24 -23.86 -8.32
CA LEU B 228 -16.23 -24.90 -8.22
C LEU B 228 -16.40 -25.80 -6.99
N LYS B 229 -16.53 -25.21 -5.80
CA LYS B 229 -16.59 -26.00 -4.58
C LYS B 229 -17.83 -25.63 -3.78
N THR B 230 -18.39 -26.60 -3.08
CA THR B 230 -19.52 -26.40 -2.17
C THR B 230 -19.12 -26.87 -0.76
N TYR B 231 -19.47 -26.08 0.26
CA TYR B 231 -19.17 -26.39 1.67
C TYR B 231 -20.46 -26.50 2.44
N THR B 232 -20.64 -27.61 3.16
CA THR B 232 -21.85 -27.85 3.93
C THR B 232 -21.51 -28.46 5.26
N GLY B 233 -22.56 -28.62 6.08
CA GLY B 233 -22.47 -29.25 7.38
C GLY B 233 -22.79 -28.31 8.52
N HIS B 234 -22.66 -27.00 8.31
CA HIS B 234 -23.05 -26.01 9.31
C HIS B 234 -24.55 -25.75 9.20
N LYS B 235 -25.06 -24.83 10.01
CA LYS B 235 -26.44 -24.38 9.93
C LYS B 235 -26.45 -22.89 9.62
N ASN B 236 -27.13 -22.51 8.54
CA ASN B 236 -27.32 -21.09 8.21
C ASN B 236 -28.59 -20.99 7.37
N GLU B 237 -29.71 -20.69 8.05
CA GLU B 237 -31.00 -20.48 7.39
C GLU B 237 -31.62 -19.14 7.70
N LYS B 238 -31.06 -18.38 8.63
CA LYS B 238 -31.74 -17.16 9.02
C LYS B 238 -30.83 -15.94 8.99
N TYR B 239 -29.63 -16.05 9.57
CA TYR B 239 -28.81 -14.88 9.81
C TYR B 239 -27.74 -14.69 8.74
N CYS B 240 -27.36 -13.44 8.53
CA CYS B 240 -26.29 -13.06 7.62
C CYS B 240 -24.96 -13.32 8.34
N ILE B 241 -24.36 -14.48 8.08
CA ILE B 241 -23.14 -14.91 8.75
C ILE B 241 -21.94 -14.66 7.84
N PHE B 242 -20.96 -13.93 8.36
CA PHE B 242 -19.70 -13.72 7.65
C PHE B 242 -18.95 -15.02 7.43
N ALA B 243 -18.28 -15.13 6.28
CA ALA B 243 -17.40 -16.24 5.98
C ALA B 243 -16.05 -15.67 5.52
N ASN B 244 -15.00 -16.47 5.62
CA ASN B 244 -13.65 -15.99 5.34
C ASN B 244 -12.79 -17.05 4.67
N PHE B 245 -11.76 -16.57 3.97
CA PHE B 245 -10.66 -17.39 3.53
C PHE B 245 -9.56 -17.24 4.60
N SER B 246 -9.15 -18.34 5.21
CA SER B 246 -8.02 -18.28 6.13
C SER B 246 -6.82 -18.78 5.34
N VAL B 247 -5.77 -17.96 5.25
CA VAL B 247 -4.64 -18.27 4.37
C VAL B 247 -3.29 -18.19 5.05
N THR B 248 -3.22 -17.85 6.33
CA THR B 248 -1.93 -17.69 6.99
C THR B 248 -1.23 -19.01 7.30
N GLY B 249 -1.93 -20.12 7.30
CA GLY B 249 -1.31 -21.38 7.64
C GLY B 249 -2.12 -22.58 7.18
N GLY B 250 -2.07 -22.84 5.88
CA GLY B 250 -3.01 -23.72 5.25
C GLY B 250 -4.20 -22.94 4.71
N LYS B 251 -4.84 -23.47 3.68
CA LYS B 251 -5.92 -22.75 3.01
C LYS B 251 -7.25 -23.31 3.49
N TRP B 252 -8.00 -22.51 4.25
CA TRP B 252 -9.25 -22.95 4.88
C TRP B 252 -10.39 -21.99 4.55
N ILE B 253 -11.61 -22.52 4.66
CA ILE B 253 -12.83 -21.70 4.66
C ILE B 253 -13.37 -21.70 6.10
N VAL B 254 -13.67 -20.50 6.62
CA VAL B 254 -14.10 -20.33 8.01
C VAL B 254 -15.45 -19.63 8.06
N SER B 255 -16.32 -20.05 8.99
CA SER B 255 -17.66 -19.44 9.05
C SER B 255 -18.32 -19.69 10.40
N GLY B 256 -19.11 -18.73 10.83
CA GLY B 256 -20.02 -18.95 11.94
C GLY B 256 -21.11 -19.94 11.58
N SER B 257 -21.96 -20.22 12.55
CA SER B 257 -23.05 -21.17 12.34
C SER B 257 -24.12 -20.91 13.38
N GLU B 258 -25.30 -21.32 13.01
CA GLU B 258 -26.46 -21.20 13.86
C GLU B 258 -26.55 -22.33 14.89
N ASP B 259 -25.69 -23.37 14.81
CA ASP B 259 -25.60 -24.35 15.89
C ASP B 259 -24.51 -24.00 16.90
N ASN B 260 -24.17 -22.71 16.99
CA ASN B 260 -23.26 -22.14 17.99
C ASN B 260 -21.82 -22.60 17.81
N LEU B 261 -21.39 -22.93 16.59
CA LEU B 261 -20.03 -23.38 16.33
C LEU B 261 -19.34 -22.53 15.25
N VAL B 262 -18.00 -22.52 15.28
CA VAL B 262 -17.21 -22.07 14.15
C VAL B 262 -16.80 -23.30 13.36
N TYR B 263 -17.11 -23.30 12.07
CA TYR B 263 -16.76 -24.39 11.17
C TYR B 263 -15.54 -23.97 10.36
N ILE B 264 -14.62 -24.91 10.15
CA ILE B 264 -13.45 -24.69 9.32
C ILE B 264 -13.36 -25.81 8.28
N TRP B 265 -13.33 -25.45 7.01
CA TRP B 265 -13.28 -26.42 5.94
C TRP B 265 -11.91 -26.35 5.25
N ASN B 266 -11.52 -27.49 4.68
CA ASN B 266 -10.43 -27.56 3.72
C ASN B 266 -10.94 -26.98 2.39
N LEU B 267 -10.35 -25.85 1.96
CA LEU B 267 -10.77 -25.16 0.74
C LEU B 267 -10.81 -26.10 -0.48
N GLN B 268 -9.80 -26.95 -0.64
CA GLN B 268 -9.72 -27.82 -1.82
C GLN B 268 -10.60 -29.06 -1.71
N THR B 269 -10.56 -29.74 -0.58
CA THR B 269 -11.28 -31.01 -0.53
C THR B 269 -12.67 -30.88 0.07
N LYS B 270 -13.04 -29.71 0.59
CA LYS B 270 -14.39 -29.40 1.06
C LYS B 270 -14.75 -30.14 2.34
N GLU B 271 -13.87 -30.95 2.90
CA GLU B 271 -14.22 -31.57 4.17
C GLU B 271 -14.07 -30.60 5.32
N ILE B 272 -14.83 -30.86 6.38
CA ILE B 272 -14.67 -30.13 7.63
C ILE B 272 -13.40 -30.59 8.31
N VAL B 273 -12.60 -29.65 8.82
CA VAL B 273 -11.37 -30.00 9.50
C VAL B 273 -11.37 -29.60 10.96
N GLN B 274 -12.27 -28.71 11.38
CA GLN B 274 -12.38 -28.41 12.79
C GLN B 274 -13.70 -27.71 13.03
N LYS B 275 -14.27 -27.97 14.20
CA LYS B 275 -15.38 -27.19 14.72
C LYS B 275 -14.94 -26.62 16.06
N LEU B 276 -15.09 -25.32 16.20
CA LEU B 276 -14.73 -24.61 17.42
C LEU B 276 -15.99 -24.46 18.23
N GLN B 277 -15.98 -25.00 19.43
CA GLN B 277 -17.12 -25.10 20.31
C GLN B 277 -16.90 -24.27 21.56
N GLY B 278 -17.99 -24.01 22.28
CA GLY B 278 -17.95 -23.28 23.52
C GLY B 278 -18.74 -21.98 23.50
N HIS B 279 -19.09 -21.47 22.31
CA HIS B 279 -20.09 -20.43 22.21
C HIS B 279 -21.47 -21.02 22.52
N THR B 280 -22.35 -20.22 23.10
CA THR B 280 -23.67 -20.69 23.51
C THR B 280 -24.84 -20.06 22.73
N ASP B 281 -24.57 -19.23 21.73
CA ASP B 281 -25.59 -18.73 20.80
C ASP B 281 -25.01 -18.75 19.39
N VAL B 282 -25.83 -18.32 18.41
CA VAL B 282 -25.40 -18.26 17.02
C VAL B 282 -24.11 -17.46 16.88
N VAL B 283 -23.13 -18.03 16.19
CA VAL B 283 -21.87 -17.34 15.86
C VAL B 283 -22.15 -16.57 14.57
N ILE B 284 -22.25 -15.24 14.70
CA ILE B 284 -22.70 -14.45 13.57
C ILE B 284 -21.55 -13.92 12.73
N SER B 285 -20.36 -13.77 13.30
CA SER B 285 -19.26 -13.13 12.62
C SER B 285 -17.98 -13.87 12.98
N THR B 286 -17.14 -14.12 11.98
CA THR B 286 -15.79 -14.57 12.22
C THR B 286 -14.86 -13.70 11.40
N ALA B 287 -13.60 -13.59 11.86
CA ALA B 287 -12.55 -12.89 11.13
C ALA B 287 -11.21 -13.60 11.32
N CYS B 288 -10.39 -13.56 10.28
CA CYS B 288 -9.05 -14.13 10.32
C CYS B 288 -8.02 -13.02 10.39
N HIS B 289 -7.07 -13.18 11.29
CA HIS B 289 -5.97 -12.23 11.44
C HIS B 289 -5.16 -12.15 10.14
N PRO B 290 -4.65 -10.96 9.79
CA PRO B 290 -3.94 -10.80 8.50
C PRO B 290 -2.66 -11.61 8.38
N THR B 291 -1.91 -11.81 9.46
CA THR B 291 -0.64 -12.54 9.33
C THR B 291 -0.49 -13.73 10.26
N GLU B 292 -1.17 -13.76 11.40
CA GLU B 292 -1.04 -14.89 12.30
C GLU B 292 -2.26 -15.78 12.18
N ASN B 293 -2.11 -17.04 12.63
CA ASN B 293 -3.22 -17.99 12.58
C ASN B 293 -4.12 -17.73 13.79
N ILE B 294 -4.84 -16.61 13.71
CA ILE B 294 -5.74 -16.16 14.76
C ILE B 294 -7.11 -15.95 14.15
N ILE B 295 -8.15 -16.50 14.79
CA ILE B 295 -9.53 -16.30 14.37
C ILE B 295 -10.26 -15.61 15.51
N ALA B 296 -11.07 -14.60 15.18
CA ALA B 296 -12.02 -13.97 16.11
C ALA B 296 -13.42 -14.44 15.75
N SER B 297 -14.21 -14.80 16.77
CA SER B 297 -15.62 -15.17 16.61
C SER B 297 -16.50 -14.37 17.55
N ALA B 298 -17.72 -14.01 17.10
CA ALA B 298 -18.69 -13.23 17.88
C ALA B 298 -20.05 -13.90 17.83
N ALA B 299 -20.83 -13.75 18.91
CA ALA B 299 -22.07 -14.52 19.03
C ALA B 299 -23.27 -13.64 19.34
N LEU B 300 -24.45 -14.28 19.28
CA LEU B 300 -25.76 -13.64 19.43
C LEU B 300 -26.13 -13.49 20.92
N GLU B 301 -27.35 -13.04 21.22
CA GLU B 301 -27.57 -12.37 22.50
C GLU B 301 -27.46 -13.25 23.74
N ASN B 302 -27.76 -14.53 23.66
CA ASN B 302 -27.58 -15.32 24.86
C ASN B 302 -26.10 -15.47 25.19
N ASP B 303 -25.26 -15.71 24.18
CA ASP B 303 -23.84 -15.92 24.45
C ASP B 303 -23.16 -14.58 24.77
N LYS B 304 -23.21 -13.64 23.82
CA LYS B 304 -22.70 -12.26 23.99
C LYS B 304 -21.18 -12.17 24.14
N THR B 305 -20.39 -13.15 23.67
CA THR B 305 -18.93 -13.05 23.83
C THR B 305 -18.23 -13.03 22.48
N ILE B 306 -17.05 -12.39 22.48
CA ILE B 306 -16.07 -12.47 21.40
C ILE B 306 -14.94 -13.37 21.84
N LYS B 307 -14.63 -14.39 21.05
CA LYS B 307 -13.58 -15.33 21.38
C LYS B 307 -12.40 -15.19 20.41
N LEU B 308 -11.18 -15.21 20.96
CA LEU B 308 -9.98 -15.24 20.15
C LEU B 308 -9.35 -16.62 20.23
N TRP B 309 -9.07 -17.20 19.05
CA TRP B 309 -8.52 -18.54 18.94
C TRP B 309 -7.22 -18.47 18.15
N LYS B 310 -6.24 -19.30 18.52
CA LYS B 310 -4.97 -19.37 17.83
C LYS B 310 -4.66 -20.83 17.49
N SER B 311 -4.23 -21.07 16.26
CA SER B 311 -3.73 -22.38 15.86
C SER B 311 -2.20 -22.31 15.79
N ASP B 312 -1.54 -23.03 16.68
CA ASP B 312 -0.09 -23.01 16.68
C ASP B 312 0.49 -23.75 15.48
N CYS B 313 0.20 -25.00 15.36
CA CYS B 313 0.83 -25.77 14.29
C CYS B 313 -0.17 -26.66 13.59
N GLY B 314 -1.09 -27.27 14.35
CA GLY B 314 -2.01 -28.23 13.77
C GLY B 314 -1.30 -29.53 13.45
N THR B 315 -1.76 -30.15 12.36
CA THR B 315 -1.40 -31.51 11.98
C THR B 315 -0.86 -31.54 10.55
N LEU B 316 0.28 -32.21 10.34
CA LEU B 316 0.72 -32.45 8.98
C LEU B 316 0.82 -33.93 8.65
N GLU B 317 0.83 -34.16 7.35
CA GLU B 317 0.92 -35.49 6.78
C GLU B 317 2.36 -35.63 6.33
N VAL B 318 3.06 -36.59 6.92
CA VAL B 318 4.49 -36.75 6.71
C VAL B 318 4.70 -38.11 6.06
N LEU B 319 5.23 -38.07 4.85
CA LEU B 319 5.77 -39.24 4.17
C LEU B 319 7.21 -39.47 4.62
N PHE B 320 7.59 -40.72 4.71
CA PHE B 320 8.97 -41.05 5.01
C PHE B 320 9.78 -40.97 3.72
N GLN B 321 10.71 -40.04 3.66
CA GLN B 321 11.48 -39.81 2.44
C GLN B 321 12.77 -39.04 2.70
N ASP C 1 21.83 32.81 16.15
CA ASP C 1 21.43 31.45 15.77
C ASP C 1 21.53 31.26 14.27
N GLU C 2 20.77 30.27 13.77
CA GLU C 2 20.59 30.04 12.35
C GLU C 2 21.95 29.84 11.65
N GLU C 3 22.66 28.81 12.09
CA GLU C 3 23.88 28.42 11.40
C GLU C 3 23.51 27.95 9.99
N GLU C 4 24.18 28.53 8.98
CA GLU C 4 23.84 28.25 7.59
C GLU C 4 24.37 26.88 7.17
N ILE C 5 23.45 25.96 6.87
CA ILE C 5 23.82 24.64 6.39
C ILE C 5 24.45 24.75 5.01
N ASP C 6 25.64 24.22 4.88
CA ASP C 6 26.33 24.10 3.61
C ASP C 6 26.33 22.64 3.25
N VAL C 7 25.53 22.29 2.23
CA VAL C 7 25.41 20.90 1.79
C VAL C 7 26.31 20.60 0.61
N VAL C 8 26.99 21.60 0.04
CA VAL C 8 27.82 21.31 -1.13
C VAL C 8 29.30 21.43 -0.82
N VAL C 10 33.03 21.01 0.17
CA VAL C 10 33.94 19.92 0.50
C VAL C 10 34.91 20.40 1.59
N GLU C 11 34.79 19.77 2.74
CA GLU C 11 35.54 20.17 3.91
C GLU C 11 36.66 19.16 4.20
N ASP D 1 -8.37 -35.92 -12.11
CA ASP D 1 -7.44 -34.84 -11.79
C ASP D 1 -8.17 -33.52 -11.68
N GLU D 2 -8.09 -32.88 -10.53
CA GLU D 2 -8.74 -31.61 -10.27
CA GLU D 2 -8.74 -31.60 -10.30
C GLU D 2 -7.70 -30.50 -10.18
N GLU D 3 -7.96 -29.39 -10.86
CA GLU D 3 -7.08 -28.24 -10.77
C GLU D 3 -6.98 -27.75 -9.32
N GLU D 4 -5.80 -27.22 -8.98
CA GLU D 4 -5.57 -26.66 -7.66
C GLU D 4 -6.11 -25.24 -7.62
N ILE D 5 -7.09 -25.00 -6.74
CA ILE D 5 -7.68 -23.69 -6.58
C ILE D 5 -6.69 -22.81 -5.82
N ASP D 6 -6.05 -21.89 -6.53
CA ASP D 6 -5.15 -20.94 -5.91
C ASP D 6 -5.92 -19.63 -5.72
N VAL D 7 -6.24 -19.31 -4.47
CA VAL D 7 -7.05 -18.12 -4.21
C VAL D 7 -6.19 -16.95 -3.78
N VAL D 8 -4.88 -17.16 -3.61
CA VAL D 8 -3.97 -16.08 -3.22
C VAL D 8 -3.02 -15.66 -4.33
N VAL D 10 -1.25 -14.08 -7.47
CA VAL D 10 -1.45 -12.93 -8.36
C VAL D 10 -1.30 -13.33 -9.83
N GLU D 11 -0.87 -14.58 -10.05
CA GLU D 11 -0.54 -15.16 -11.36
C GLU D 11 -1.31 -14.60 -12.56
#